data_1IVF
#
_entry.id   1IVF
#
_cell.length_a   119.380
_cell.length_b   139.630
_cell.length_c   140.130
_cell.angle_alpha   90.00
_cell.angle_beta   90.00
_cell.angle_gamma   90.00
#
_symmetry.space_group_name_H-M   'C 2 2 21'
#
loop_
_entity.id
_entity.type
_entity.pdbx_description
1 polymer 'INFLUENZA A SUBTYPE N2 NEURAMINIDASE'
2 branched 2-acetamido-2-deoxy-beta-D-glucopyranose-(1-4)-2-acetamido-2-deoxy-beta-D-glucopyranose
3 branched beta-D-mannopyranose-(1-4)-2-acetamido-2-deoxy-beta-D-glucopyranose-(1-4)-[beta-L-fucopyranose-(1-6)]2-acetamido-2-deoxy-beta-D-glucopyranose
4 branched alpha-D-mannopyranose-(1-2)-alpha-D-mannopyranose-(1-3)-beta-D-mannopyranose-(1-4)-2-acetamido-2-deoxy-beta-D-glucopyranose-(1-4)-[alpha-D-mannopyranose-(1-6)]2-acetamido-2-deoxy-beta-D-glucopyranose
5 branched beta-D-mannopyranose-(1-4)-2-acetamido-2-deoxy-beta-D-glucopyranose-(1-4)-[alpha-L-fucopyranose-(1-6)]2-acetamido-2-deoxy-beta-D-glucopyranose
6 non-polymer 'CALCIUM ION'
7 non-polymer '2-DEOXY-2,3-DEHYDRO-N-ACETYL-NEURAMINIC ACID'
8 water water
#
_entity_poly.entity_id   1
_entity_poly.type   'polypeptide(L)'
_entity_poly.pdbx_seq_one_letter_code
;VEYRNWSKPQCQITGFAPFSKDNSIRLSAGGDIWVTREPYVSCDPVKCYQFALGQGTTLDNKHSNDTVHDRIPHRTLLMN
ELGVPFHLGTRQVCIAWSSSSCHDGKAWLHVCITGDDKNATASFIYDGRLVDSIGSWSQNILRTQESECVCINGTCTVVM
TDGSASGRADTRILFIEEGKIVHISPLAGSAQHVEECSCYPRYPGVRCICRDNWKGSNRPVVDINMEDYSIDSSYVCSGL
VGDTPRNDDRSSNSNCRDPNNERGTQGVKGWAFDNGNDLWMGRTISKDLRSGYETFKVIGGWSTPNSKSQINRQVIVDSD
NRSGYSGIFSVEGKSCINRCFYVELIRGRKQETRVWWTSNSIVVFCGTSGTYGTGSWPDGANINFMPI
;
_entity_poly.pdbx_strand_id   A,B
#
loop_
_chem_comp.id
_chem_comp.type
_chem_comp.name
_chem_comp.formula
BMA D-saccharide, beta linking beta-D-mannopyranose 'C6 H12 O6'
CA non-polymer 'CALCIUM ION' 'Ca 2'
DAN D-saccharide '2-DEOXY-2,3-DEHYDRO-N-ACETYL-NEURAMINIC ACID' 'C11 H17 N O8'
FUC L-saccharide, alpha linking alpha-L-fucopyranose 'C6 H12 O5'
FUL L-saccharide, beta linking beta-L-fucopyranose 'C6 H12 O5'
MAN D-saccharide, alpha linking alpha-D-mannopyranose 'C6 H12 O6'
NAG D-saccharide, beta linking 2-acetamido-2-deoxy-beta-D-glucopyranose 'C8 H15 N O6'
#
# COMPACT_ATOMS: atom_id res chain seq x y z
N VAL A 1 7.88 -16.91 -18.12
CA VAL A 1 8.55 -17.30 -16.85
C VAL A 1 8.00 -18.61 -16.24
N GLU A 2 8.74 -19.13 -15.26
CA GLU A 2 8.33 -20.32 -14.56
C GLU A 2 8.38 -20.02 -13.08
N TYR A 3 7.58 -20.74 -12.31
CA TYR A 3 7.55 -20.57 -10.87
C TYR A 3 8.83 -21.22 -10.35
N ARG A 4 9.34 -20.73 -9.22
CA ARG A 4 10.55 -21.26 -8.61
C ARG A 4 10.27 -22.43 -7.67
N ASN A 5 11.01 -23.51 -7.80
CA ASN A 5 10.86 -24.67 -6.93
C ASN A 5 12.04 -24.72 -5.95
N TRP A 6 13.02 -23.85 -6.20
CA TRP A 6 14.25 -23.74 -5.41
C TRP A 6 15.05 -25.03 -5.27
N SER A 7 14.81 -26.01 -6.13
CA SER A 7 15.54 -27.26 -6.01
C SER A 7 16.94 -27.20 -6.57
N LYS A 8 17.90 -27.36 -5.66
CA LYS A 8 19.33 -27.40 -5.93
C LYS A 8 19.92 -27.13 -4.54
N PRO A 9 20.92 -27.94 -4.14
CA PRO A 9 21.64 -27.91 -2.86
C PRO A 9 22.00 -26.56 -2.32
N GLN A 10 22.09 -26.47 -1.00
CA GLN A 10 22.48 -25.24 -0.32
C GLN A 10 23.99 -25.22 -0.55
N CYS A 11 24.55 -24.04 -0.78
CA CYS A 11 25.98 -23.90 -1.01
C CYS A 11 26.73 -24.00 0.31
N GLN A 12 27.88 -24.67 0.29
CA GLN A 12 28.72 -24.81 1.46
C GLN A 12 29.36 -23.45 1.69
N ILE A 13 29.07 -22.79 2.82
CA ILE A 13 29.60 -21.45 3.05
C ILE A 13 30.64 -21.38 4.14
N THR A 14 31.77 -20.77 3.83
CA THR A 14 32.91 -20.58 4.73
C THR A 14 32.64 -19.53 5.80
N GLY A 15 31.74 -18.62 5.48
CA GLY A 15 31.38 -17.52 6.35
C GLY A 15 30.72 -16.53 5.41
N PHE A 16 30.61 -15.27 5.83
CA PHE A 16 29.95 -14.28 5.01
C PHE A 16 30.90 -13.21 4.49
N ALA A 17 30.53 -12.63 3.34
CA ALA A 17 31.27 -11.56 2.66
C ALA A 17 30.32 -10.38 2.62
N PRO A 18 30.85 -9.13 2.70
CA PRO A 18 30.00 -7.92 2.66
C PRO A 18 29.27 -7.88 1.32
N PHE A 19 28.02 -7.42 1.34
CA PHE A 19 27.27 -7.38 0.10
C PHE A 19 26.60 -6.04 -0.28
N SER A 20 26.17 -5.26 0.71
CA SER A 20 25.52 -3.97 0.44
C SER A 20 25.29 -3.20 1.72
N LYS A 21 25.52 -1.90 1.69
CA LYS A 21 25.32 -1.04 2.84
C LYS A 21 24.51 0.09 2.27
N ASP A 22 23.69 0.80 3.05
CA ASP A 22 22.92 1.89 2.47
C ASP A 22 23.11 3.31 2.98
N ASN A 23 23.68 3.45 4.18
CA ASN A 23 24.00 4.73 4.81
C ASN A 23 22.86 5.75 4.98
N SER A 24 21.65 5.25 5.13
CA SER A 24 20.49 6.11 5.27
C SER A 24 20.51 7.10 6.40
N ILE A 25 21.01 6.71 7.55
CA ILE A 25 21.04 7.64 8.67
C ILE A 25 22.07 8.75 8.44
N ARG A 26 23.17 8.41 7.78
CA ARG A 26 24.20 9.40 7.48
C ARG A 26 23.68 10.48 6.53
N LEU A 27 23.15 10.05 5.39
CA LEU A 27 22.60 10.95 4.37
C LEU A 27 21.42 11.80 4.87
N SER A 28 20.58 11.23 5.73
CA SER A 28 19.43 11.96 6.25
C SER A 28 19.78 13.31 6.83
N ALA A 29 21.02 13.48 7.27
CA ALA A 29 21.44 14.79 7.80
C ALA A 29 21.88 15.72 6.64
N GLY A 30 21.58 15.30 5.41
CA GLY A 30 21.92 16.09 4.24
C GLY A 30 21.13 15.56 3.06
N GLY A 31 19.81 15.45 3.24
CA GLY A 31 18.94 14.94 2.19
C GLY A 31 17.65 14.32 2.70
N ASP A 32 16.53 14.57 2.02
CA ASP A 32 15.24 14.03 2.44
C ASP A 32 15.17 12.50 2.31
N ILE A 33 15.29 11.80 3.44
CA ILE A 33 15.24 10.33 3.47
C ILE A 33 14.13 9.87 4.43
N TRP A 34 13.49 8.76 4.10
CA TRP A 34 12.41 8.21 4.91
C TRP A 34 12.81 7.78 6.30
N VAL A 35 11.84 7.80 7.21
CA VAL A 35 12.04 7.35 8.58
C VAL A 35 11.49 5.94 8.54
N THR A 36 12.34 4.92 8.63
CA THR A 36 11.83 3.56 8.56
C THR A 36 12.20 2.68 9.76
N ARG A 37 11.91 1.39 9.64
CA ARG A 37 12.22 0.38 10.65
C ARG A 37 11.73 -0.97 10.13
N GLU A 38 12.10 -2.02 10.85
CA GLU A 38 11.75 -3.38 10.46
C GLU A 38 11.97 -3.56 8.96
N PRO A 39 13.22 -3.37 8.49
CA PRO A 39 13.52 -3.54 7.06
C PRO A 39 13.75 -5.02 6.75
N TYR A 40 13.85 -5.34 5.47
CA TYR A 40 14.15 -6.68 5.01
C TYR A 40 14.58 -6.60 3.56
N VAL A 41 15.26 -7.62 3.05
CA VAL A 41 15.68 -7.62 1.65
C VAL A 41 15.32 -8.93 1.02
N SER A 42 14.98 -8.90 -0.26
CA SER A 42 14.56 -10.09 -1.00
C SER A 42 14.78 -9.82 -2.48
N CYS A 43 14.77 -10.86 -3.31
CA CYS A 43 15.07 -10.70 -4.74
C CYS A 43 14.22 -11.47 -5.72
N ASP A 44 13.96 -10.83 -6.86
CA ASP A 44 13.26 -11.51 -7.92
C ASP A 44 14.37 -12.29 -8.59
N PRO A 45 14.05 -13.01 -9.65
CA PRO A 45 15.14 -13.75 -10.25
C PRO A 45 16.34 -12.95 -10.80
N VAL A 46 16.15 -11.71 -11.25
CA VAL A 46 17.27 -10.92 -11.76
C VAL A 46 18.04 -10.03 -10.79
N LYS A 47 17.39 -9.49 -9.77
CA LYS A 47 18.05 -8.58 -8.82
C LYS A 47 17.37 -8.47 -7.47
N CYS A 48 18.10 -7.96 -6.48
CA CYS A 48 17.56 -7.79 -5.13
C CYS A 48 17.03 -6.41 -4.79
N TYR A 49 16.03 -6.38 -3.93
CA TYR A 49 15.41 -5.15 -3.49
C TYR A 49 15.56 -5.02 -2.01
N GLN A 50 15.22 -3.84 -1.49
CA GLN A 50 15.25 -3.61 -0.05
C GLN A 50 13.88 -3.03 0.31
N PHE A 51 13.29 -3.59 1.35
CA PHE A 51 12.01 -3.19 1.85
C PHE A 51 12.21 -2.67 3.24
N ALA A 52 11.18 -2.00 3.73
CA ALA A 52 11.16 -1.38 5.06
C ALA A 52 9.82 -0.65 5.25
N LEU A 53 9.25 -0.74 6.45
CA LEU A 53 8.00 -0.05 6.75
C LEU A 53 8.39 1.36 7.11
N GLY A 54 7.99 2.33 6.29
CA GLY A 54 8.33 3.72 6.59
C GLY A 54 7.44 4.24 7.71
N GLN A 55 7.65 5.49 8.11
CA GLN A 55 6.81 6.07 9.16
C GLN A 55 6.01 7.24 8.58
N GLY A 56 5.57 7.09 7.33
CA GLY A 56 4.79 8.13 6.67
C GLY A 56 5.43 9.51 6.75
N THR A 57 6.75 9.53 6.71
CA THR A 57 7.51 10.77 6.81
C THR A 57 9.02 10.61 6.51
N THR A 58 9.66 11.77 6.34
CA THR A 58 11.08 11.85 6.07
C THR A 58 11.66 12.21 7.42
N LEU A 59 12.99 12.08 7.55
CA LEU A 59 13.68 12.34 8.80
C LEU A 59 13.78 13.82 9.22
N ASP A 60 14.06 14.72 8.27
CA ASP A 60 14.15 16.14 8.61
C ASP A 60 12.77 16.73 8.40
N ASN A 61 11.83 16.24 9.20
CA ASN A 61 10.45 16.62 9.11
C ASN A 61 9.96 16.70 10.56
N LYS A 62 9.07 17.64 10.88
CA LYS A 62 8.55 17.75 12.25
C LYS A 62 7.77 16.46 12.56
N HIS A 63 7.12 15.90 11.55
CA HIS A 63 6.36 14.67 11.75
C HIS A 63 7.19 13.45 12.14
N SER A 64 8.52 13.61 12.24
CA SER A 64 9.42 12.52 12.61
C SER A 64 9.36 12.27 14.11
N ASN A 65 9.21 13.36 14.86
CA ASN A 65 9.11 13.34 16.32
C ASN A 65 8.17 12.25 16.78
N ASP A 66 8.66 11.38 17.65
CA ASP A 66 7.87 10.32 18.24
C ASP A 66 7.51 9.15 17.34
N THR A 67 8.47 8.74 16.51
CA THR A 67 8.29 7.62 15.60
C THR A 67 8.86 6.36 16.26
N VAL A 68 8.70 6.30 17.56
CA VAL A 68 9.18 5.19 18.38
C VAL A 68 7.91 4.36 18.63
N HIS A 69 7.15 4.15 17.57
CA HIS A 69 5.92 3.40 17.67
C HIS A 69 5.84 2.52 16.47
N ASP A 70 5.46 1.30 16.69
CA ASP A 70 5.36 0.34 15.62
C ASP A 70 4.07 0.43 14.85
N ARG A 71 3.07 1.11 15.40
CA ARG A 71 1.78 1.14 14.72
C ARG A 71 0.98 2.42 14.57
N ILE A 72 0.93 2.91 13.34
CA ILE A 72 0.14 4.09 13.01
C ILE A 72 -0.41 3.91 11.61
N PRO A 73 -1.54 4.57 11.31
CA PRO A 73 -2.20 4.48 10.01
C PRO A 73 -1.35 4.80 8.78
N HIS A 74 -0.21 5.44 8.99
CA HIS A 74 0.66 5.87 7.90
C HIS A 74 1.85 5.01 7.51
N ARG A 75 2.11 3.94 8.24
CA ARG A 75 3.23 3.09 7.86
C ARG A 75 2.82 2.32 6.59
N THR A 76 3.65 2.44 5.55
CA THR A 76 3.43 1.78 4.28
C THR A 76 4.72 1.03 3.93
N LEU A 77 4.61 -0.04 3.16
CA LEU A 77 5.76 -0.83 2.77
C LEU A 77 6.52 -0.17 1.61
N LEU A 78 7.78 0.20 1.86
CA LEU A 78 8.66 0.84 0.87
C LEU A 78 9.44 -0.24 0.14
N MET A 79 9.71 -0.06 -1.14
CA MET A 79 10.45 -1.04 -1.90
C MET A 79 11.40 -0.40 -2.93
N ASN A 80 12.71 -0.52 -2.71
CA ASN A 80 13.74 0.05 -3.58
C ASN A 80 14.67 -1.05 -4.03
N GLU A 81 15.56 -0.74 -4.95
CA GLU A 81 16.51 -1.73 -5.40
C GLU A 81 17.57 -1.77 -4.32
N LEU A 82 18.17 -2.93 -4.13
CA LEU A 82 19.18 -3.04 -3.09
C LEU A 82 20.29 -2.05 -3.38
N GLY A 83 20.46 -1.09 -2.48
CA GLY A 83 21.51 -0.12 -2.65
C GLY A 83 21.01 1.30 -2.78
N VAL A 84 19.82 1.48 -3.33
CA VAL A 84 19.30 2.82 -3.46
C VAL A 84 18.47 3.12 -2.20
N PRO A 85 18.90 4.13 -1.42
CA PRO A 85 18.18 4.49 -0.19
C PRO A 85 16.76 5.00 -0.45
N PHE A 86 15.95 4.97 0.59
CA PHE A 86 14.58 5.38 0.51
C PHE A 86 14.42 6.90 0.51
N HIS A 87 14.58 7.45 -0.70
CA HIS A 87 14.46 8.87 -0.98
C HIS A 87 12.98 9.14 -1.39
N LEU A 88 12.64 10.37 -1.72
CA LEU A 88 11.27 10.71 -2.07
C LEU A 88 10.71 10.07 -3.35
N GLY A 89 11.58 9.45 -4.14
CA GLY A 89 11.11 8.84 -5.36
C GLY A 89 10.67 7.43 -5.09
N THR A 90 10.92 7.00 -3.85
CA THR A 90 10.60 5.66 -3.37
C THR A 90 9.11 5.41 -3.40
N ARG A 91 8.75 4.21 -3.81
CA ARG A 91 7.36 3.79 -3.92
C ARG A 91 6.87 3.09 -2.65
N GLN A 92 5.66 3.46 -2.25
CA GLN A 92 5.00 2.87 -1.10
C GLN A 92 4.06 1.81 -1.74
N VAL A 93 4.53 0.58 -1.73
CA VAL A 93 3.82 -0.54 -2.32
C VAL A 93 2.45 -0.87 -1.71
N CYS A 94 2.17 -0.39 -0.50
CA CYS A 94 0.89 -0.66 0.18
C CYS A 94 0.88 -0.08 1.59
N ILE A 95 -0.29 -0.02 2.23
CA ILE A 95 -0.37 0.49 3.60
C ILE A 95 -0.08 -0.74 4.47
N ALA A 96 0.93 -0.64 5.34
CA ALA A 96 1.36 -1.74 6.16
C ALA A 96 2.26 -1.35 7.35
N TRP A 97 1.93 -1.85 8.54
CA TRP A 97 2.74 -1.67 9.74
C TRP A 97 3.31 -3.05 10.17
N SER A 98 3.21 -4.02 9.25
CA SER A 98 3.75 -5.37 9.41
C SER A 98 3.64 -6.02 8.04
N SER A 99 4.77 -6.51 7.49
CA SER A 99 4.76 -7.14 6.14
C SER A 99 5.64 -8.36 5.85
N SER A 100 5.59 -8.79 4.60
CA SER A 100 6.38 -9.89 4.10
C SER A 100 6.26 -9.78 2.60
N SER A 101 7.22 -10.32 1.85
CA SER A 101 7.20 -10.25 0.40
C SER A 101 8.08 -11.39 -0.13
N CYS A 102 7.70 -11.87 -1.29
CA CYS A 102 8.44 -12.93 -1.94
C CYS A 102 8.01 -12.86 -3.38
N HIS A 103 8.75 -13.52 -4.24
CA HIS A 103 8.44 -13.49 -5.64
C HIS A 103 8.40 -14.92 -6.07
N ASP A 104 7.24 -15.39 -6.50
CA ASP A 104 7.09 -16.79 -6.90
C ASP A 104 7.85 -17.22 -8.14
N GLY A 105 8.65 -16.30 -8.66
CA GLY A 105 9.39 -16.57 -9.87
C GLY A 105 8.69 -15.89 -11.03
N LYS A 106 7.38 -15.65 -10.91
CA LYS A 106 6.64 -14.97 -11.97
C LYS A 106 6.25 -13.54 -11.61
N ALA A 107 5.92 -13.27 -10.34
CA ALA A 107 5.53 -11.94 -9.86
C ALA A 107 5.72 -11.78 -8.36
N TRP A 108 5.74 -10.55 -7.88
CA TRP A 108 5.90 -10.32 -6.46
C TRP A 108 4.57 -10.51 -5.73
N LEU A 109 4.66 -10.74 -4.43
CA LEU A 109 3.50 -10.92 -3.57
C LEU A 109 3.86 -10.25 -2.25
N HIS A 110 3.00 -9.36 -1.76
CA HIS A 110 3.28 -8.66 -0.51
C HIS A 110 2.07 -8.89 0.35
N VAL A 111 2.29 -9.11 1.65
CA VAL A 111 1.21 -9.29 2.59
C VAL A 111 1.43 -8.13 3.51
N CYS A 112 0.53 -7.17 3.42
CA CYS A 112 0.63 -5.94 4.17
C CYS A 112 -0.48 -5.95 5.17
N ILE A 113 -0.17 -5.48 6.37
CA ILE A 113 -1.10 -5.45 7.52
C ILE A 113 -1.20 -4.09 8.21
N THR A 114 -2.44 -3.58 8.33
CA THR A 114 -2.76 -2.30 8.99
C THR A 114 -4.16 -2.42 9.57
N GLY A 115 -4.47 -1.52 10.49
CA GLY A 115 -5.77 -1.50 11.10
C GLY A 115 -5.60 -1.35 12.58
N ASP A 116 -6.71 -1.42 13.29
CA ASP A 116 -6.69 -1.31 14.73
C ASP A 116 -6.04 -2.61 15.20
N ASP A 117 -5.36 -2.56 16.35
CA ASP A 117 -4.69 -3.73 16.91
C ASP A 117 -5.75 -4.79 17.16
N LYS A 118 -6.86 -4.32 17.70
CA LYS A 118 -8.01 -5.14 18.03
C LYS A 118 -8.72 -5.75 16.83
N ASN A 119 -8.68 -5.09 15.67
CA ASN A 119 -9.35 -5.63 14.48
C ASN A 119 -8.68 -5.26 13.13
N ALA A 120 -7.43 -5.67 12.95
CA ALA A 120 -6.72 -5.37 11.71
C ALA A 120 -7.07 -6.34 10.59
N THR A 121 -6.79 -5.88 9.36
CA THR A 121 -7.00 -6.66 8.15
C THR A 121 -5.61 -6.83 7.51
N ALA A 122 -5.44 -7.86 6.70
CA ALA A 122 -4.18 -8.11 6.04
C ALA A 122 -4.47 -8.29 4.56
N SER A 123 -4.04 -7.34 3.75
CA SER A 123 -4.27 -7.40 2.31
C SER A 123 -3.18 -8.23 1.64
N PHE A 124 -3.63 -9.12 0.77
CA PHE A 124 -2.78 -9.99 -0.01
C PHE A 124 -2.78 -9.42 -1.40
N ILE A 125 -1.72 -8.69 -1.72
CA ILE A 125 -1.58 -8.06 -3.02
C ILE A 125 -0.61 -8.88 -3.87
N TYR A 126 -1.08 -9.28 -5.06
CA TYR A 126 -0.29 -10.06 -5.98
C TYR A 126 -0.24 -9.48 -7.38
N ASP A 127 0.98 -9.22 -7.86
CA ASP A 127 1.19 -8.73 -9.18
C ASP A 127 0.42 -7.43 -9.47
N GLY A 128 0.60 -6.48 -8.57
CA GLY A 128 -0.05 -5.18 -8.72
C GLY A 128 -1.43 -5.10 -8.10
N ARG A 129 -2.27 -6.08 -8.40
CA ARG A 129 -3.62 -6.08 -7.86
C ARG A 129 -3.85 -6.70 -6.48
N LEU A 130 -4.91 -6.25 -5.81
CA LEU A 130 -5.29 -6.75 -4.48
C LEU A 130 -6.18 -7.98 -4.71
N VAL A 131 -5.58 -9.14 -4.48
CA VAL A 131 -6.24 -10.44 -4.68
C VAL A 131 -7.05 -11.09 -3.52
N ASP A 132 -6.72 -10.77 -2.27
CA ASP A 132 -7.42 -11.34 -1.11
C ASP A 132 -7.13 -10.50 0.13
N SER A 133 -7.65 -10.95 1.27
CA SER A 133 -7.46 -10.29 2.55
C SER A 133 -8.03 -11.16 3.69
N ILE A 134 -7.70 -10.79 4.92
CA ILE A 134 -8.16 -11.53 6.09
C ILE A 134 -8.18 -10.62 7.31
N GLY A 135 -9.07 -10.92 8.24
CA GLY A 135 -9.15 -10.12 9.43
C GLY A 135 -8.48 -10.83 10.57
N SER A 136 -8.24 -10.09 11.64
CA SER A 136 -7.61 -10.58 12.86
C SER A 136 -8.45 -11.71 13.46
N TRP A 137 -7.84 -12.87 13.71
CA TRP A 137 -8.56 -14.00 14.29
C TRP A 137 -8.57 -14.07 15.80
N SER A 138 -7.68 -13.34 16.47
CA SER A 138 -7.62 -13.34 17.92
C SER A 138 -7.78 -11.96 18.45
N GLN A 139 -8.10 -11.01 17.58
CA GLN A 139 -8.31 -9.63 18.01
C GLN A 139 -7.18 -9.00 18.86
N ASN A 140 -5.92 -9.31 18.55
CA ASN A 140 -4.77 -8.76 19.29
C ASN A 140 -3.46 -8.63 18.49
N ILE A 141 -3.39 -7.58 17.66
CA ILE A 141 -2.26 -7.21 16.79
C ILE A 141 -1.77 -8.26 15.79
N LEU A 142 -2.66 -8.67 14.88
CA LEU A 142 -2.35 -9.63 13.81
C LEU A 142 -1.03 -9.15 13.17
N ARG A 143 0.04 -9.93 13.29
CA ARG A 143 1.31 -9.52 12.74
C ARG A 143 1.98 -10.59 11.93
N THR A 144 2.86 -10.22 11.00
CA THR A 144 3.53 -11.23 10.20
C THR A 144 5.07 -11.19 10.33
N GLN A 145 5.73 -12.00 9.49
CA GLN A 145 7.16 -12.18 9.48
C GLN A 145 8.08 -10.97 9.60
N GLU A 146 7.91 -9.96 8.75
CA GLU A 146 8.75 -8.75 8.71
C GLU A 146 10.02 -9.06 7.92
N SER A 147 9.96 -10.10 7.09
CA SER A 147 11.07 -10.53 6.21
C SER A 147 10.46 -11.33 5.06
N GLU A 148 11.29 -11.78 4.13
CA GLU A 148 10.85 -12.54 2.95
C GLU A 148 10.09 -13.89 3.13
N CYS A 149 8.94 -13.99 2.48
CA CYS A 149 8.16 -15.23 2.50
C CYS A 149 8.78 -16.12 1.41
N VAL A 150 8.41 -17.40 1.35
CA VAL A 150 9.01 -18.25 0.33
C VAL A 150 7.99 -19.09 -0.44
N CYS A 151 8.23 -19.25 -1.74
CA CYS A 151 7.32 -19.97 -2.60
C CYS A 151 8.02 -21.08 -3.36
N ILE A 152 7.31 -22.17 -3.58
CA ILE A 152 7.81 -23.31 -4.35
C ILE A 152 6.65 -23.77 -5.21
N ASN A 153 6.88 -23.92 -6.51
CA ASN A 153 5.84 -24.35 -7.43
C ASN A 153 4.55 -23.50 -7.38
N GLY A 154 4.72 -22.19 -7.28
CA GLY A 154 3.56 -21.31 -7.27
C GLY A 154 2.83 -21.12 -5.96
N THR A 155 3.31 -21.73 -4.89
CA THR A 155 2.62 -21.58 -3.61
C THR A 155 3.53 -20.89 -2.60
N CYS A 156 3.11 -19.72 -2.12
CA CYS A 156 3.93 -19.02 -1.15
C CYS A 156 3.43 -19.22 0.24
N THR A 157 4.30 -19.64 1.15
CA THR A 157 3.84 -19.81 2.51
C THR A 157 4.36 -18.76 3.47
N VAL A 158 3.45 -17.90 3.93
CA VAL A 158 3.78 -16.87 4.91
C VAL A 158 3.16 -17.37 6.23
N VAL A 159 3.76 -17.02 7.35
CA VAL A 159 3.21 -17.45 8.64
C VAL A 159 2.78 -16.17 9.35
N MET A 160 1.74 -16.24 10.16
CA MET A 160 1.28 -15.05 10.87
C MET A 160 0.76 -15.47 12.21
N THR A 161 0.90 -14.60 13.18
CA THR A 161 0.43 -14.84 14.52
C THR A 161 -0.42 -13.64 15.01
N ASP A 162 -1.33 -13.89 15.95
CA ASP A 162 -2.23 -12.87 16.49
C ASP A 162 -2.47 -13.36 17.93
N GLY A 163 -2.43 -12.47 18.93
CA GLY A 163 -2.63 -12.89 20.30
C GLY A 163 -1.80 -12.06 21.28
N SER A 164 -1.21 -12.70 22.29
CA SER A 164 -0.42 -11.97 23.28
C SER A 164 1.07 -12.00 22.96
N ALA A 165 1.70 -10.83 23.05
CA ALA A 165 3.13 -10.65 22.80
C ALA A 165 3.95 -11.47 23.77
N SER A 166 3.55 -11.43 25.04
CA SER A 166 4.24 -12.14 26.10
C SER A 166 3.30 -13.14 26.78
N GLY A 167 2.67 -13.98 25.98
CA GLY A 167 1.76 -14.98 26.51
C GLY A 167 1.27 -15.78 25.33
N ARG A 168 0.44 -16.78 25.56
CA ARG A 168 -0.08 -17.61 24.48
C ARG A 168 -0.56 -16.77 23.28
N ALA A 169 -0.37 -17.28 22.07
CA ALA A 169 -0.81 -16.55 20.88
C ALA A 169 -1.41 -17.52 19.89
N ASP A 170 -1.71 -17.05 18.68
CA ASP A 170 -2.31 -17.92 17.68
C ASP A 170 -1.57 -17.80 16.36
N THR A 171 -0.68 -18.75 16.13
CA THR A 171 0.15 -18.77 14.96
C THR A 171 -0.49 -19.65 13.90
N ARG A 172 -0.53 -19.10 12.70
CA ARG A 172 -1.15 -19.79 11.60
C ARG A 172 -0.17 -19.66 10.47
N ILE A 173 -0.18 -20.66 9.61
CA ILE A 173 0.70 -20.73 8.48
C ILE A 173 -0.23 -20.70 7.28
N LEU A 174 -0.01 -19.66 6.48
CA LEU A 174 -0.77 -19.37 5.28
C LEU A 174 -0.17 -19.85 3.99
N PHE A 175 -1.00 -20.44 3.15
CA PHE A 175 -0.54 -20.91 1.85
C PHE A 175 -1.29 -20.12 0.81
N ILE A 176 -0.58 -19.24 0.11
CA ILE A 176 -1.21 -18.40 -0.89
C ILE A 176 -0.71 -18.60 -2.31
N GLU A 177 -1.60 -18.93 -3.25
CA GLU A 177 -1.20 -19.13 -4.66
C GLU A 177 -1.67 -17.98 -5.51
N GLU A 178 -0.75 -17.18 -6.06
CA GLU A 178 -1.17 -16.03 -6.88
C GLU A 178 -2.08 -15.06 -6.09
N GLY A 179 -1.69 -14.69 -4.87
CA GLY A 179 -2.50 -13.77 -4.09
C GLY A 179 -3.73 -14.35 -3.38
N LYS A 180 -4.05 -15.61 -3.69
CA LYS A 180 -5.22 -16.28 -3.12
C LYS A 180 -4.84 -17.26 -1.99
N ILE A 181 -5.48 -17.13 -0.82
CA ILE A 181 -5.24 -18.02 0.33
C ILE A 181 -5.85 -19.38 0.03
N VAL A 182 -5.04 -20.33 -0.39
CA VAL A 182 -5.53 -21.65 -0.74
C VAL A 182 -5.55 -22.59 0.42
N HIS A 183 -5.07 -22.16 1.58
CA HIS A 183 -5.07 -23.05 2.76
C HIS A 183 -4.45 -22.40 3.98
N ILE A 184 -4.94 -22.77 5.15
CA ILE A 184 -4.40 -22.27 6.41
C ILE A 184 -4.23 -23.49 7.33
N SER A 185 -3.00 -23.68 7.86
CA SER A 185 -2.66 -24.78 8.77
C SER A 185 -2.22 -24.13 10.07
N PRO A 186 -2.55 -24.76 11.23
CA PRO A 186 -2.14 -24.16 12.50
C PRO A 186 -0.80 -24.69 13.00
N LEU A 187 -0.13 -23.87 13.82
CA LEU A 187 1.16 -24.25 14.38
C LEU A 187 1.01 -25.55 15.19
N ALA A 188 2.00 -26.42 15.04
CA ALA A 188 2.02 -27.70 15.73
C ALA A 188 3.45 -27.95 16.22
N GLY A 189 3.58 -28.86 17.20
CA GLY A 189 4.89 -29.20 17.73
C GLY A 189 5.06 -28.61 19.11
N SER A 190 6.31 -28.43 19.53
CA SER A 190 6.63 -27.91 20.85
C SER A 190 6.95 -26.41 21.02
N ALA A 191 6.97 -25.63 19.94
CA ALA A 191 7.29 -24.20 20.08
C ALA A 191 6.25 -23.50 20.98
N GLN A 192 6.67 -22.53 21.79
CA GLN A 192 5.74 -21.86 22.69
C GLN A 192 5.40 -20.40 22.40
N HIS A 193 5.90 -19.86 21.31
CA HIS A 193 5.60 -18.48 20.92
C HIS A 193 6.35 -18.27 19.65
N VAL A 194 5.62 -17.91 18.62
CA VAL A 194 6.24 -17.69 17.33
C VAL A 194 5.90 -16.32 16.81
N GLU A 195 6.90 -15.46 16.73
CA GLU A 195 6.72 -14.12 16.21
C GLU A 195 7.83 -13.91 15.19
N GLU A 196 7.52 -13.11 14.17
CA GLU A 196 8.41 -12.76 13.08
C GLU A 196 9.46 -13.80 12.63
N CYS A 197 9.01 -14.84 11.93
CA CYS A 197 9.92 -15.87 11.46
C CYS A 197 10.83 -15.47 10.30
N SER A 198 12.04 -16.00 10.35
CA SER A 198 13.01 -15.80 9.31
C SER A 198 12.93 -17.15 8.66
N CYS A 199 12.45 -17.18 7.43
CA CYS A 199 12.26 -18.43 6.73
C CYS A 199 13.07 -18.52 5.44
N TYR A 200 13.35 -19.77 5.04
CA TYR A 200 14.11 -20.05 3.85
C TYR A 200 13.70 -21.40 3.29
N PRO A 201 13.91 -21.64 1.99
CA PRO A 201 13.55 -22.94 1.42
C PRO A 201 14.57 -24.02 1.82
N ARG A 202 14.13 -25.27 1.76
CA ARG A 202 14.94 -26.46 2.03
C ARG A 202 14.17 -27.52 1.31
N TYR A 203 14.08 -27.35 0.00
CA TYR A 203 13.35 -28.27 -0.86
C TYR A 203 13.35 -29.73 -0.29
N PRO A 204 12.17 -30.37 -0.24
CA PRO A 204 10.90 -29.78 -0.68
C PRO A 204 10.13 -29.02 0.37
N GLY A 205 10.81 -28.34 1.28
CA GLY A 205 10.06 -27.61 2.29
C GLY A 205 10.57 -26.22 2.57
N VAL A 206 9.99 -25.60 3.59
CA VAL A 206 10.39 -24.26 4.02
C VAL A 206 10.70 -24.41 5.53
N ARG A 207 11.74 -23.75 6.01
CA ARG A 207 12.12 -23.82 7.42
C ARG A 207 12.25 -22.42 8.01
N CYS A 208 11.78 -22.26 9.23
CA CYS A 208 11.80 -20.97 9.87
C CYS A 208 12.47 -21.00 11.21
N ILE A 209 13.06 -19.87 11.59
CA ILE A 209 13.69 -19.68 12.88
C ILE A 209 13.00 -18.36 13.27
N CYS A 210 12.39 -18.32 14.44
CA CYS A 210 11.64 -17.15 14.81
C CYS A 210 11.98 -16.58 16.17
N ARG A 211 11.07 -15.81 16.73
CA ARG A 211 11.24 -15.17 18.02
C ARG A 211 10.19 -15.59 19.05
N ASP A 212 10.66 -16.17 20.17
CA ASP A 212 9.78 -16.54 21.29
C ASP A 212 9.94 -15.31 22.21
N ASN A 213 8.87 -14.52 22.24
CA ASN A 213 8.77 -13.26 22.99
C ASN A 213 8.14 -13.47 24.37
N TRP A 214 7.93 -14.73 24.71
CA TRP A 214 7.27 -15.08 25.98
C TRP A 214 8.14 -15.82 26.99
N LYS A 215 8.53 -17.05 26.67
CA LYS A 215 9.33 -17.84 27.59
C LYS A 215 10.65 -18.33 27.04
N GLY A 216 10.95 -17.98 25.80
CA GLY A 216 12.18 -18.42 25.14
C GLY A 216 13.29 -17.41 24.87
N SER A 217 14.51 -17.91 25.08
CA SER A 217 15.77 -17.23 24.86
C SER A 217 16.34 -18.01 23.70
N ASN A 218 15.98 -19.29 23.66
CA ASN A 218 16.36 -20.11 22.55
C ASN A 218 15.32 -19.76 21.46
N ARG A 219 15.61 -20.12 20.21
CA ARG A 219 14.70 -19.78 19.13
C ARG A 219 13.81 -20.91 18.64
N PRO A 220 12.53 -20.61 18.40
CA PRO A 220 11.60 -21.63 17.92
C PRO A 220 11.94 -21.99 16.49
N VAL A 221 11.78 -23.23 16.14
CA VAL A 221 11.99 -23.67 14.78
C VAL A 221 10.58 -24.01 14.27
N VAL A 222 10.25 -23.64 13.04
CA VAL A 222 8.93 -23.93 12.51
C VAL A 222 9.07 -24.57 11.13
N ASP A 223 8.86 -25.88 11.03
CA ASP A 223 8.99 -26.60 9.75
C ASP A 223 7.71 -26.85 8.95
N ILE A 224 7.63 -26.21 7.78
CA ILE A 224 6.46 -26.31 6.94
C ILE A 224 6.69 -27.35 5.86
N ASN A 225 5.63 -28.08 5.55
CA ASN A 225 5.66 -29.13 4.56
C ASN A 225 4.71 -28.63 3.50
N MET A 226 5.22 -28.36 2.31
CA MET A 226 4.37 -27.85 1.26
C MET A 226 3.54 -28.97 0.63
N GLU A 227 4.02 -30.20 0.74
CA GLU A 227 3.35 -31.37 0.17
C GLU A 227 1.94 -31.63 0.76
N ASP A 228 1.75 -31.27 2.03
CA ASP A 228 0.46 -31.50 2.65
C ASP A 228 0.13 -30.51 3.75
N TYR A 229 0.70 -29.33 3.67
CA TYR A 229 0.41 -28.29 4.65
C TYR A 229 0.71 -28.66 6.11
N SER A 230 1.41 -29.77 6.35
CA SER A 230 1.77 -30.17 7.71
C SER A 230 2.77 -29.17 8.31
N ILE A 231 2.77 -29.05 9.62
CA ILE A 231 3.62 -28.09 10.33
C ILE A 231 4.25 -28.81 11.52
N ASP A 232 5.42 -28.36 11.95
CA ASP A 232 6.08 -28.93 13.10
C ASP A 232 6.87 -27.77 13.69
N SER A 233 7.08 -27.78 14.99
CA SER A 233 7.83 -26.71 15.62
C SER A 233 8.66 -27.27 16.76
N SER A 234 9.84 -26.70 16.96
CA SER A 234 10.77 -27.11 17.99
C SER A 234 11.58 -25.89 18.34
N TYR A 235 12.81 -26.13 18.82
CA TYR A 235 13.77 -25.07 19.16
C TYR A 235 15.12 -25.48 18.68
N VAL A 236 15.98 -24.49 18.50
CA VAL A 236 17.32 -24.75 18.05
C VAL A 236 18.09 -25.41 19.17
N CYS A 237 18.93 -26.37 18.83
CA CYS A 237 19.70 -27.09 19.83
C CYS A 237 20.82 -26.30 20.49
N SER A 238 21.62 -25.59 19.70
CA SER A 238 22.75 -24.82 20.25
C SER A 238 22.54 -24.27 21.66
N GLY A 239 23.45 -24.63 22.56
CA GLY A 239 23.36 -24.10 23.89
C GLY A 239 23.83 -22.66 23.82
N LEU A 240 24.37 -22.27 22.66
CA LEU A 240 24.84 -20.88 22.48
C LEU A 240 23.69 -19.90 22.56
N VAL A 241 22.60 -20.16 21.81
CA VAL A 241 21.41 -19.31 21.90
C VAL A 241 21.51 -17.92 21.28
N GLY A 242 20.49 -17.55 20.51
CA GLY A 242 20.54 -16.26 19.83
C GLY A 242 19.46 -15.19 19.96
N ASP A 243 18.72 -15.17 21.06
CA ASP A 243 17.68 -14.16 21.30
C ASP A 243 18.29 -13.15 22.26
N THR A 244 17.69 -11.98 22.38
CA THR A 244 18.14 -10.93 23.30
C THR A 244 16.89 -10.30 23.89
N PRO A 245 16.78 -10.25 25.24
CA PRO A 245 17.74 -10.70 26.25
C PRO A 245 18.04 -12.19 26.15
N ARG A 246 19.32 -12.48 26.33
CA ARG A 246 19.87 -13.82 26.28
C ARG A 246 20.37 -13.97 27.70
N ASN A 247 20.79 -15.18 28.05
CA ASN A 247 21.26 -15.43 29.40
C ASN A 247 22.74 -15.11 29.53
N ASP A 248 23.58 -16.04 29.08
CA ASP A 248 25.01 -15.90 29.22
C ASP A 248 25.59 -17.15 28.57
N ASP A 249 26.78 -17.04 28.00
CA ASP A 249 27.34 -18.19 27.32
C ASP A 249 27.52 -19.43 28.16
N ARG A 250 28.02 -19.26 29.37
CA ARG A 250 28.22 -20.37 30.29
C ARG A 250 26.86 -20.86 30.80
N SER A 251 25.99 -19.93 31.15
CA SER A 251 24.68 -20.27 31.68
C SER A 251 23.45 -20.24 30.75
N SER A 252 23.58 -20.72 29.52
CA SER A 252 22.44 -20.73 28.60
C SER A 252 22.24 -22.13 28.07
N ASN A 253 20.99 -22.58 27.98
CA ASN A 253 20.75 -23.92 27.51
C ASN A 253 19.58 -24.02 26.56
N SER A 254 19.52 -25.18 25.90
CA SER A 254 18.47 -25.51 24.96
C SER A 254 18.50 -27.03 24.69
N ASN A 255 17.36 -27.69 24.85
CA ASN A 255 17.30 -29.13 24.62
C ASN A 255 16.68 -29.49 23.29
N CYS A 256 16.45 -28.48 22.45
CA CYS A 256 15.85 -28.64 21.11
C CYS A 256 14.35 -28.88 21.21
N ARG A 257 13.81 -28.82 22.42
CA ARG A 257 12.41 -29.10 22.59
C ARG A 257 11.55 -28.05 23.25
N ASP A 258 12.03 -27.47 24.34
CA ASP A 258 11.23 -26.51 25.09
C ASP A 258 11.88 -25.15 25.36
N PRO A 259 11.07 -24.07 25.41
CA PRO A 259 11.62 -22.74 25.69
C PRO A 259 12.43 -22.81 26.94
N ASN A 260 13.75 -22.66 26.80
CA ASN A 260 14.66 -22.74 27.95
C ASN A 260 14.32 -21.91 29.20
N ASN A 261 13.25 -21.14 29.14
CA ASN A 261 12.84 -20.32 30.27
C ASN A 261 13.93 -19.41 30.84
N GLU A 262 15.01 -19.18 30.09
CA GLU A 262 16.05 -18.29 30.57
C GLU A 262 15.83 -16.94 29.91
N ARG A 263 15.35 -15.97 30.69
CA ARG A 263 15.06 -14.63 30.20
C ARG A 263 14.22 -14.62 28.92
N GLY A 264 13.35 -15.64 28.78
CA GLY A 264 12.50 -15.81 27.61
C GLY A 264 11.72 -14.62 27.06
N THR A 265 11.06 -13.89 27.96
CA THR A 265 10.26 -12.72 27.61
C THR A 265 11.09 -11.64 26.92
N GLN A 266 10.47 -11.08 25.89
CA GLN A 266 11.06 -10.09 25.00
C GLN A 266 11.90 -10.84 23.97
N GLY A 267 12.36 -10.12 22.97
CA GLY A 267 13.13 -10.72 21.91
C GLY A 267 13.51 -9.72 20.86
N VAL A 268 13.86 -10.24 19.70
CA VAL A 268 14.30 -9.43 18.57
C VAL A 268 14.27 -10.42 17.42
N LYS A 269 13.92 -9.97 16.21
CA LYS A 269 13.88 -10.86 15.07
C LYS A 269 15.33 -11.20 14.74
N GLY A 270 15.55 -12.45 14.41
CA GLY A 270 16.87 -12.91 14.09
C GLY A 270 16.66 -14.06 13.17
N TRP A 271 17.76 -14.77 12.88
CA TRP A 271 17.76 -15.89 11.95
C TRP A 271 18.87 -16.86 12.35
N ALA A 272 18.94 -17.95 11.61
CA ALA A 272 19.92 -19.01 11.78
C ALA A 272 19.58 -19.93 10.62
N PHE A 273 20.36 -20.96 10.38
CA PHE A 273 20.05 -21.89 9.31
C PHE A 273 21.06 -22.99 9.41
N ASP A 274 20.58 -24.23 9.30
CA ASP A 274 21.41 -25.41 9.39
C ASP A 274 22.48 -25.59 8.31
N ASN A 275 23.10 -26.77 8.37
CA ASN A 275 24.11 -27.23 7.43
C ASN A 275 24.61 -28.52 8.04
N GLY A 276 24.06 -29.63 7.55
CA GLY A 276 24.41 -30.93 8.09
C GLY A 276 23.85 -30.92 9.50
N ASN A 277 24.71 -31.07 10.49
CA ASN A 277 24.26 -31.06 11.87
C ASN A 277 24.74 -29.76 12.48
N ASP A 278 25.20 -28.85 11.62
CA ASP A 278 25.74 -27.56 12.07
C ASP A 278 24.74 -26.44 11.95
N LEU A 279 25.04 -25.35 12.63
CA LEU A 279 24.17 -24.20 12.63
C LEU A 279 24.89 -22.86 12.39
N TRP A 280 24.62 -22.22 11.26
CA TRP A 280 25.17 -20.90 10.99
C TRP A 280 24.19 -19.95 11.70
N MET A 281 24.68 -19.12 12.59
CA MET A 281 23.77 -18.23 13.28
C MET A 281 24.32 -16.84 13.50
N GLY A 282 23.44 -15.91 13.83
CA GLY A 282 23.85 -14.54 14.07
C GLY A 282 23.11 -13.98 15.27
N ARG A 283 23.68 -12.97 15.90
CA ARG A 283 23.04 -12.35 17.04
C ARG A 283 23.75 -11.08 17.49
N THR A 284 23.02 -10.20 18.16
CA THR A 284 23.61 -8.99 18.72
C THR A 284 24.66 -9.55 19.69
N ILE A 285 25.86 -8.97 19.74
CA ILE A 285 26.82 -9.51 20.68
C ILE A 285 26.32 -9.32 22.13
N SER A 286 25.55 -8.28 22.37
CA SER A 286 25.02 -8.03 23.70
C SER A 286 23.83 -8.96 23.96
N LYS A 287 23.65 -9.33 25.23
CA LYS A 287 22.56 -10.20 25.63
C LYS A 287 21.56 -9.40 26.46
N ASP A 288 21.77 -8.10 26.53
CA ASP A 288 20.86 -7.23 27.26
C ASP A 288 20.20 -6.24 26.30
N LEU A 289 21.01 -5.66 25.42
CA LEU A 289 20.53 -4.70 24.44
C LEU A 289 20.88 -5.24 23.06
N ARG A 290 20.49 -4.50 22.02
CA ARG A 290 20.79 -4.81 20.61
C ARG A 290 22.00 -3.96 20.26
N SER A 291 23.19 -4.52 20.40
CA SER A 291 24.40 -3.77 20.11
C SER A 291 25.43 -4.73 19.55
N GLY A 292 26.14 -4.30 18.53
CA GLY A 292 27.13 -5.16 17.91
C GLY A 292 26.43 -6.37 17.31
N TYR A 293 27.13 -7.12 16.49
CA TYR A 293 26.52 -8.26 15.89
C TYR A 293 27.65 -9.12 15.34
N GLU A 294 27.67 -10.37 15.78
CA GLU A 294 28.66 -11.34 15.34
C GLU A 294 27.90 -12.53 14.76
N THR A 295 28.60 -13.38 14.02
CA THR A 295 28.00 -14.57 13.43
C THR A 295 29.00 -15.69 13.68
N PHE A 296 28.53 -16.93 13.71
CA PHE A 296 29.42 -18.05 13.89
C PHE A 296 28.75 -19.35 13.55
N LYS A 297 29.55 -20.40 13.41
CA LYS A 297 28.98 -21.71 13.14
C LYS A 297 29.15 -22.46 14.45
N VAL A 298 28.13 -23.21 14.85
CA VAL A 298 28.12 -24.01 16.08
C VAL A 298 28.17 -25.44 15.60
N ILE A 299 29.31 -26.06 15.80
CA ILE A 299 29.52 -27.42 15.37
C ILE A 299 28.57 -28.26 16.21
N GLY A 300 27.72 -29.01 15.53
CA GLY A 300 26.73 -29.84 16.21
C GLY A 300 25.53 -29.08 16.81
N GLY A 301 25.37 -27.82 16.44
CA GLY A 301 24.27 -27.03 16.98
C GLY A 301 22.92 -27.24 16.34
N TRP A 302 22.83 -28.09 15.34
CA TRP A 302 21.54 -28.33 14.73
C TRP A 302 20.97 -29.67 15.17
N SER A 303 21.81 -30.49 15.78
CA SER A 303 21.38 -31.82 16.17
C SER A 303 21.63 -32.24 17.60
N THR A 304 22.58 -31.62 18.27
CA THR A 304 22.85 -31.99 19.62
C THR A 304 22.50 -30.86 20.58
N PRO A 305 21.59 -31.16 21.53
CA PRO A 305 21.15 -30.17 22.50
C PRO A 305 22.30 -29.58 23.32
N ASN A 306 22.16 -28.30 23.63
CA ASN A 306 23.14 -27.58 24.44
C ASN A 306 24.57 -27.64 23.92
N SER A 307 24.71 -27.75 22.61
CA SER A 307 26.01 -27.77 21.97
C SER A 307 26.55 -26.33 21.97
N LYS A 308 27.76 -26.12 22.46
CA LYS A 308 28.33 -24.78 22.46
C LYS A 308 29.77 -24.70 21.93
N SER A 309 30.14 -25.57 21.00
CA SER A 309 31.48 -25.54 20.45
C SER A 309 31.45 -24.74 19.13
N GLN A 310 31.80 -23.46 19.18
CA GLN A 310 31.74 -22.69 17.94
C GLN A 310 33.04 -22.59 17.16
N ILE A 311 32.93 -22.15 15.91
CA ILE A 311 34.05 -22.01 15.00
C ILE A 311 33.59 -20.91 14.01
N ASN A 312 34.54 -20.33 13.27
CA ASN A 312 34.25 -19.28 12.27
C ASN A 312 33.54 -17.97 12.64
N ARG A 313 33.53 -17.56 13.91
CA ARG A 313 32.88 -16.29 14.24
C ARG A 313 33.36 -15.11 13.38
N GLN A 314 32.51 -14.08 13.25
CA GLN A 314 32.83 -12.86 12.48
C GLN A 314 32.08 -11.75 13.15
N VAL A 315 32.69 -10.57 13.24
CA VAL A 315 32.03 -9.38 13.79
C VAL A 315 31.56 -8.61 12.54
N ILE A 316 30.27 -8.32 12.48
CA ILE A 316 29.71 -7.59 11.37
C ILE A 316 29.57 -6.16 11.88
N VAL A 317 29.11 -6.02 13.12
CA VAL A 317 28.99 -4.73 13.77
C VAL A 317 29.72 -4.92 15.10
N ASP A 318 30.58 -3.96 15.46
CA ASP A 318 31.34 -4.07 16.70
C ASP A 318 30.44 -3.95 17.92
N SER A 319 30.83 -4.61 19.00
CA SER A 319 30.05 -4.62 20.23
C SER A 319 29.54 -3.28 20.75
N ASP A 320 30.23 -2.17 20.45
CA ASP A 320 29.75 -0.89 20.97
C ASP A 320 29.12 0.04 19.96
N ASN A 321 28.29 -0.55 19.12
CA ASN A 321 27.51 0.14 18.09
C ASN A 321 26.14 -0.53 18.07
N ARG A 322 25.12 0.20 17.62
CA ARG A 322 23.76 -0.34 17.62
C ARG A 322 23.46 -1.34 16.54
N SER A 323 22.76 -2.39 16.96
CA SER A 323 22.30 -3.50 16.12
C SER A 323 20.74 -3.36 16.08
N GLY A 324 20.04 -4.49 15.95
CA GLY A 324 18.59 -4.48 15.91
C GLY A 324 18.10 -5.78 15.32
N TYR A 325 16.99 -5.74 14.57
CA TYR A 325 16.43 -6.92 13.92
C TYR A 325 17.41 -7.48 12.91
N SER A 326 17.02 -8.60 12.28
CA SER A 326 17.84 -9.25 11.26
C SER A 326 17.13 -10.45 10.70
N GLY A 327 17.42 -10.80 9.46
CA GLY A 327 16.76 -11.92 8.85
C GLY A 327 17.53 -12.48 7.68
N ILE A 328 17.19 -13.71 7.33
CA ILE A 328 17.84 -14.40 6.24
C ILE A 328 17.23 -13.94 4.89
N PHE A 329 17.72 -14.53 3.80
CA PHE A 329 17.23 -14.30 2.44
C PHE A 329 18.08 -15.15 1.50
N SER A 330 17.43 -15.93 0.66
CA SER A 330 18.16 -16.83 -0.25
C SER A 330 18.25 -16.30 -1.66
N VAL A 331 19.37 -16.58 -2.30
CA VAL A 331 19.58 -16.14 -3.67
C VAL A 331 20.03 -17.41 -4.38
N GLU A 332 19.60 -17.62 -5.61
CA GLU A 332 19.96 -18.84 -6.34
C GLU A 332 21.15 -18.68 -7.26
N GLY A 333 22.05 -19.65 -7.17
CA GLY A 333 23.24 -19.64 -8.00
C GLY A 333 23.16 -20.59 -9.19
N LYS A 334 24.23 -20.65 -9.96
CA LYS A 334 24.29 -21.52 -11.11
C LYS A 334 24.26 -22.98 -10.65
N SER A 335 24.66 -23.22 -9.42
CA SER A 335 24.73 -24.59 -8.93
C SER A 335 24.04 -24.88 -7.60
N CYS A 336 23.94 -23.88 -6.75
CA CYS A 336 23.33 -24.09 -5.47
C CYS A 336 22.61 -22.81 -5.11
N ILE A 337 22.15 -22.71 -3.87
CA ILE A 337 21.46 -21.53 -3.37
C ILE A 337 22.11 -21.03 -2.07
N ASN A 338 22.63 -19.82 -2.14
CA ASN A 338 23.32 -19.19 -1.02
C ASN A 338 22.34 -18.52 -0.08
N ARG A 339 22.74 -18.39 1.18
CA ARG A 339 21.90 -17.74 2.16
C ARG A 339 22.63 -16.46 2.52
N CYS A 340 21.86 -15.41 2.69
CA CYS A 340 22.42 -14.12 3.00
C CYS A 340 21.64 -13.59 4.20
N PHE A 341 22.07 -12.47 4.74
CA PHE A 341 21.34 -11.89 5.86
C PHE A 341 21.56 -10.39 5.92
N TYR A 342 20.61 -9.69 6.52
CA TYR A 342 20.73 -8.26 6.67
C TYR A 342 20.67 -8.01 8.17
N VAL A 343 21.03 -6.79 8.58
CA VAL A 343 20.95 -6.39 9.97
C VAL A 343 20.51 -4.91 10.12
N GLU A 344 19.41 -4.71 10.80
CA GLU A 344 18.86 -3.38 11.01
C GLU A 344 19.66 -2.62 12.06
N LEU A 345 20.39 -1.59 11.62
CA LEU A 345 21.18 -0.74 12.51
C LEU A 345 20.23 0.39 12.84
N ILE A 346 19.64 0.33 14.02
CA ILE A 346 18.65 1.31 14.43
C ILE A 346 19.23 2.46 15.26
N ARG A 347 18.72 3.67 14.97
CA ARG A 347 19.12 4.91 15.64
C ARG A 347 17.90 5.73 16.07
N GLY A 348 18.15 6.65 17.00
CA GLY A 348 17.09 7.50 17.49
C GLY A 348 16.62 7.14 18.88
N ARG A 349 15.40 7.57 19.20
CA ARG A 349 14.80 7.33 20.50
C ARG A 349 14.85 5.95 21.08
N LYS A 350 14.94 5.96 22.40
CA LYS A 350 15.07 4.84 23.31
C LYS A 350 16.51 5.09 23.74
N GLN A 351 17.47 4.36 23.19
CA GLN A 351 18.86 4.57 23.57
C GLN A 351 19.23 6.04 23.38
N GLU A 352 19.34 6.47 22.13
CA GLU A 352 19.71 7.85 21.83
C GLU A 352 18.56 8.77 22.15
N THR A 353 18.88 9.92 22.70
CA THR A 353 17.84 10.82 23.17
C THR A 353 18.03 12.26 22.73
N ARG A 354 19.11 12.51 22.00
CA ARG A 354 19.38 13.86 21.50
C ARG A 354 18.27 14.18 20.53
N VAL A 355 17.72 13.12 19.95
CA VAL A 355 16.67 13.20 18.96
C VAL A 355 15.32 12.61 19.38
N TRP A 356 14.29 12.88 18.59
CA TRP A 356 12.95 12.40 18.89
C TRP A 356 12.46 11.41 17.89
N TRP A 357 13.21 11.21 16.82
CA TRP A 357 12.84 10.28 15.78
C TRP A 357 13.58 8.97 16.02
N THR A 358 13.19 7.97 15.27
CA THR A 358 13.77 6.65 15.31
C THR A 358 13.71 6.11 13.90
N SER A 359 14.85 5.71 13.39
CA SER A 359 14.91 5.17 12.05
C SER A 359 16.05 4.19 12.14
N ASN A 360 16.54 3.73 11.00
CA ASN A 360 17.65 2.82 10.96
C ASN A 360 18.24 2.89 9.55
N SER A 361 19.21 2.02 9.30
CA SER A 361 19.87 1.87 7.99
C SER A 361 20.24 0.39 7.97
N ILE A 362 20.76 -0.12 6.87
CA ILE A 362 21.08 -1.53 6.86
C ILE A 362 22.51 -1.83 6.41
N VAL A 363 22.84 -3.11 6.38
CA VAL A 363 24.11 -3.63 5.93
C VAL A 363 23.75 -5.07 5.63
N VAL A 364 24.31 -5.62 4.57
CA VAL A 364 23.98 -7.00 4.20
C VAL A 364 25.17 -7.87 3.71
N PHE A 365 25.31 -9.03 4.33
CA PHE A 365 26.35 -9.97 4.00
C PHE A 365 25.75 -11.19 3.28
N CYS A 366 26.60 -11.99 2.65
CA CYS A 366 26.16 -13.17 1.92
C CYS A 366 27.17 -14.32 2.04
N GLY A 367 26.65 -15.53 2.21
CA GLY A 367 27.53 -16.68 2.35
C GLY A 367 28.54 -16.73 1.22
N THR A 368 29.73 -17.21 1.54
CA THR A 368 30.77 -17.33 0.56
C THR A 368 31.54 -18.58 0.90
N SER A 369 31.94 -19.32 -0.12
CA SER A 369 32.70 -20.55 0.02
C SER A 369 34.18 -20.16 -0.10
N GLY A 370 34.45 -18.86 -0.15
CA GLY A 370 35.80 -18.35 -0.31
C GLY A 370 36.42 -17.72 0.93
N THR A 371 37.50 -16.99 0.73
CA THR A 371 38.21 -16.38 1.82
C THR A 371 37.63 -15.00 2.10
N TYR A 372 37.87 -14.48 3.29
CA TYR A 372 37.38 -13.17 3.70
C TYR A 372 38.26 -12.66 4.83
N GLY A 373 38.02 -11.42 5.26
CA GLY A 373 38.85 -10.85 6.31
C GLY A 373 38.19 -10.45 7.61
N THR A 374 38.33 -9.16 7.93
CA THR A 374 37.77 -8.64 9.16
C THR A 374 37.31 -7.20 8.94
N GLY A 375 36.38 -6.77 9.79
CA GLY A 375 35.85 -5.43 9.72
C GLY A 375 34.69 -5.33 10.69
N SER A 376 34.03 -4.20 10.65
CA SER A 376 32.86 -3.85 11.45
C SER A 376 32.27 -2.79 10.54
N TRP A 377 30.98 -2.90 10.26
CA TRP A 377 30.33 -1.95 9.37
C TRP A 377 29.08 -1.40 10.02
N PRO A 378 29.28 -0.49 10.99
CA PRO A 378 28.19 0.14 11.73
C PRO A 378 27.53 1.26 10.94
N ASP A 379 26.42 1.75 11.47
CA ASP A 379 25.68 2.84 10.83
C ASP A 379 26.64 4.00 10.47
N GLY A 380 27.42 4.44 11.45
CA GLY A 380 28.39 5.50 11.23
C GLY A 380 27.87 6.92 11.18
N ALA A 381 26.79 7.24 11.88
CA ALA A 381 26.22 8.60 11.87
C ALA A 381 26.46 9.39 13.17
N ASN A 382 27.20 10.47 13.10
CA ASN A 382 27.42 11.23 14.32
C ASN A 382 26.07 11.76 14.75
N ILE A 383 25.59 11.25 15.87
CA ILE A 383 24.28 11.63 16.38
C ILE A 383 24.16 13.14 16.69
N ASN A 384 25.29 13.81 16.86
CA ASN A 384 25.26 15.23 17.15
C ASN A 384 25.16 16.08 15.91
N PHE A 385 25.41 15.47 14.75
CA PHE A 385 25.31 16.16 13.48
C PHE A 385 23.83 16.19 13.04
N MET A 386 23.17 15.05 13.30
CA MET A 386 21.78 14.78 12.98
C MET A 386 20.72 15.74 13.46
N PRO A 387 19.70 15.97 12.61
CA PRO A 387 18.58 16.87 12.89
C PRO A 387 17.77 16.46 14.14
N ILE A 388 17.08 17.46 14.70
CA ILE A 388 16.23 17.38 15.88
C ILE A 388 17.07 17.54 17.16
N VAL B 1 -0.13 -6.38 -28.43
CA VAL B 1 -1.25 -6.19 -27.47
C VAL B 1 -2.64 -6.22 -28.13
N GLU B 2 -3.66 -6.32 -27.28
CA GLU B 2 -5.04 -6.32 -27.75
C GLU B 2 -5.78 -5.26 -26.95
N TYR B 3 -6.84 -4.74 -27.54
CA TYR B 3 -7.66 -3.73 -26.88
C TYR B 3 -8.47 -4.50 -25.84
N ARG B 4 -8.84 -3.82 -24.75
CA ARG B 4 -9.62 -4.41 -23.67
C ARG B 4 -11.12 -4.32 -23.92
N ASN B 5 -11.84 -5.42 -23.75
CA ASN B 5 -13.28 -5.43 -23.91
C ASN B 5 -13.95 -5.53 -22.54
N TRP B 6 -13.12 -5.75 -21.52
CA TRP B 6 -13.53 -5.90 -20.12
C TRP B 6 -14.58 -6.96 -19.87
N SER B 7 -14.76 -7.91 -20.80
CA SER B 7 -15.77 -8.92 -20.59
C SER B 7 -15.33 -10.03 -19.65
N LYS B 8 -16.03 -10.10 -18.53
CA LYS B 8 -15.86 -11.09 -17.48
C LYS B 8 -16.57 -10.42 -16.29
N PRO B 9 -17.42 -11.18 -15.58
CA PRO B 9 -18.23 -10.78 -14.42
C PRO B 9 -17.55 -9.92 -13.40
N GLN B 10 -18.36 -9.10 -12.72
CA GLN B 10 -17.87 -8.23 -11.66
C GLN B 10 -17.68 -9.21 -10.51
N CYS B 11 -16.63 -9.01 -9.72
CA CYS B 11 -16.36 -9.89 -8.59
C CYS B 11 -17.29 -9.56 -7.44
N GLN B 12 -17.76 -10.58 -6.74
CA GLN B 12 -18.62 -10.41 -5.58
C GLN B 12 -17.73 -9.88 -4.47
N ILE B 13 -17.99 -8.66 -3.98
CA ILE B 13 -17.11 -8.08 -2.95
C ILE B 13 -17.77 -7.95 -1.60
N THR B 14 -17.08 -8.45 -0.58
CA THR B 14 -17.51 -8.43 0.82
C THR B 14 -17.44 -7.04 1.44
N GLY B 15 -16.55 -6.23 0.89
CA GLY B 15 -16.30 -4.89 1.36
C GLY B 15 -14.95 -4.55 0.77
N PHE B 16 -14.28 -3.53 1.31
CA PHE B 16 -13.00 -3.12 0.77
C PHE B 16 -11.84 -3.39 1.71
N ALA B 17 -10.66 -3.57 1.12
CA ALA B 17 -9.39 -3.82 1.82
C ALA B 17 -8.49 -2.65 1.45
N PRO B 18 -7.59 -2.22 2.36
CA PRO B 18 -6.67 -1.11 2.08
C PRO B 18 -5.76 -1.50 0.92
N PHE B 19 -5.45 -0.53 0.06
CA PHE B 19 -4.62 -0.84 -1.09
C PHE B 19 -3.38 0.04 -1.31
N SER B 20 -3.44 1.32 -0.96
CA SER B 20 -2.31 2.23 -1.15
C SER B 20 -2.57 3.57 -0.51
N LYS B 21 -1.56 4.14 0.13
CA LYS B 21 -1.68 5.43 0.78
C LYS B 21 -0.46 6.16 0.27
N ASP B 22 -0.46 7.50 0.19
CA ASP B 22 0.74 8.17 -0.31
C ASP B 22 1.47 9.16 0.59
N ASN B 23 0.80 9.65 1.63
CA ASN B 23 1.35 10.56 2.63
C ASN B 23 1.99 11.87 2.13
N SER B 24 1.49 12.37 1.01
CA SER B 24 2.03 13.59 0.43
C SER B 24 2.04 14.81 1.29
N ILE B 25 0.99 15.03 2.06
CA ILE B 25 0.96 16.21 2.90
C ILE B 25 1.96 16.10 4.05
N ARG B 26 2.16 14.89 4.56
CA ARG B 26 3.11 14.67 5.64
C ARG B 26 4.54 14.97 5.19
N LEU B 27 4.96 14.33 4.09
CA LEU B 27 6.30 14.50 3.52
C LEU B 27 6.59 15.94 3.07
N SER B 28 5.58 16.64 2.55
CA SER B 28 5.77 18.01 2.09
C SER B 28 6.42 18.90 3.12
N ALA B 29 6.28 18.58 4.39
CA ALA B 29 6.92 19.38 5.44
C ALA B 29 8.39 18.93 5.64
N GLY B 30 8.88 18.12 4.71
CA GLY B 30 10.24 17.63 4.76
C GLY B 30 10.61 17.06 3.40
N GLY B 31 10.38 17.86 2.36
CA GLY B 31 10.68 17.42 1.00
C GLY B 31 9.86 18.12 -0.07
N ASP B 32 10.47 18.47 -1.20
CA ASP B 32 9.77 19.16 -2.28
C ASP B 32 8.70 18.28 -2.94
N ILE B 33 7.43 18.52 -2.60
CA ILE B 33 6.30 17.75 -3.16
C ILE B 33 5.31 18.72 -3.83
N TRP B 34 4.68 18.27 -4.90
CA TRP B 34 3.72 19.08 -5.64
C TRP B 34 2.49 19.47 -4.86
N VAL B 35 1.89 20.59 -5.26
CA VAL B 35 0.65 21.07 -4.67
C VAL B 35 -0.40 20.58 -5.65
N THR B 36 -1.21 19.60 -5.27
CA THR B 36 -2.20 19.09 -6.21
C THR B 36 -3.65 19.14 -5.71
N ARG B 37 -4.54 18.52 -6.47
CA ARG B 37 -5.96 18.40 -6.13
C ARG B 37 -6.64 17.62 -7.25
N GLU B 38 -7.91 17.28 -7.01
CA GLU B 38 -8.67 16.49 -7.96
C GLU B 38 -7.81 15.34 -8.50
N PRO B 39 -7.35 14.46 -7.60
CA PRO B 39 -6.53 13.31 -8.04
C PRO B 39 -7.43 12.18 -8.51
N TYR B 40 -6.84 11.15 -9.10
CA TYR B 40 -7.54 9.97 -9.54
C TYR B 40 -6.51 8.87 -9.78
N VAL B 41 -6.94 7.61 -9.81
CA VAL B 41 -6.01 6.52 -10.07
C VAL B 41 -6.59 5.61 -11.11
N SER B 42 -5.73 5.03 -11.94
CA SER B 42 -6.15 4.16 -13.03
C SER B 42 -4.97 3.27 -13.39
N CYS B 43 -5.20 2.19 -14.14
CA CYS B 43 -4.14 1.23 -14.45
C CYS B 43 -4.08 0.68 -15.86
N ASP B 44 -2.86 0.48 -16.34
CA ASP B 44 -2.68 -0.16 -17.62
C ASP B 44 -2.82 -1.62 -17.28
N PRO B 45 -2.66 -2.49 -18.26
CA PRO B 45 -2.81 -3.89 -17.88
C PRO B 45 -1.82 -4.46 -16.84
N VAL B 46 -0.60 -3.95 -16.75
CA VAL B 46 0.35 -4.46 -15.76
C VAL B 46 0.39 -3.80 -14.38
N LYS B 47 0.12 -2.51 -14.28
CA LYS B 47 0.20 -1.80 -13.00
C LYS B 47 -0.62 -0.53 -12.93
N CYS B 48 -0.88 -0.04 -11.72
CA CYS B 48 -1.65 1.18 -11.52
C CYS B 48 -0.84 2.45 -11.31
N TYR B 49 -1.40 3.56 -11.75
CA TYR B 49 -0.77 4.86 -11.62
C TYR B 49 -1.65 5.76 -10.82
N GLN B 50 -1.11 6.92 -10.45
CA GLN B 50 -1.88 7.91 -9.72
C GLN B 50 -1.69 9.23 -10.48
N PHE B 51 -2.82 9.89 -10.72
CA PHE B 51 -2.86 11.14 -11.41
C PHE B 51 -3.39 12.18 -10.46
N ALA B 52 -3.22 13.43 -10.85
CA ALA B 52 -3.63 14.60 -10.07
C ALA B 52 -3.22 15.87 -10.83
N LEU B 53 -4.09 16.88 -10.81
CA LEU B 53 -3.79 18.16 -11.47
C LEU B 53 -2.95 18.93 -10.48
N GLY B 54 -1.69 19.18 -10.82
CA GLY B 54 -0.84 19.94 -9.91
C GLY B 54 -1.20 21.42 -9.97
N GLN B 55 -0.52 22.24 -9.17
CA GLN B 55 -0.79 23.67 -9.20
C GLN B 55 0.47 24.41 -9.68
N GLY B 56 1.17 23.81 -10.64
CA GLY B 56 2.38 24.41 -11.21
C GLY B 56 3.37 24.86 -10.14
N THR B 57 3.44 24.10 -9.06
CA THR B 57 4.31 24.41 -7.94
C THR B 57 4.42 23.29 -6.88
N THR B 58 5.41 23.47 -6.01
CA THR B 58 5.67 22.54 -4.93
C THR B 58 5.07 23.24 -3.73
N LEU B 59 4.90 22.50 -2.62
CA LEU B 59 4.29 23.03 -1.41
C LEU B 59 5.13 24.04 -0.62
N ASP B 60 6.44 23.80 -0.47
CA ASP B 60 7.28 24.74 0.26
C ASP B 60 7.85 25.71 -0.76
N ASN B 61 6.93 26.46 -1.37
CA ASN B 61 7.26 27.39 -2.41
C ASN B 61 6.35 28.60 -2.15
N LYS B 62 6.84 29.82 -2.41
CA LYS B 62 6.01 31.02 -2.21
C LYS B 62 4.83 30.94 -3.18
N HIS B 63 5.05 30.38 -4.36
CA HIS B 63 3.98 30.26 -5.34
C HIS B 63 2.82 29.36 -4.93
N SER B 64 2.89 28.75 -3.73
CA SER B 64 1.85 27.87 -3.22
C SER B 64 0.68 28.69 -2.70
N ASN B 65 1.00 29.84 -2.11
CA ASN B 65 0.02 30.78 -1.57
C ASN B 65 -1.12 31.00 -2.54
N ASP B 66 -2.34 30.78 -2.07
CA ASP B 66 -3.54 31.01 -2.85
C ASP B 66 -3.83 30.01 -3.96
N THR B 67 -3.58 28.74 -3.67
CA THR B 67 -3.83 27.66 -4.63
C THR B 67 -5.20 27.05 -4.33
N VAL B 68 -6.10 27.91 -3.91
CA VAL B 68 -7.47 27.53 -3.56
C VAL B 68 -8.28 27.94 -4.80
N HIS B 69 -7.76 27.61 -5.96
CA HIS B 69 -8.41 27.95 -7.21
C HIS B 69 -8.27 26.77 -8.11
N ASP B 70 -9.35 26.45 -8.77
CA ASP B 70 -9.37 25.32 -9.66
C ASP B 70 -8.82 25.63 -11.03
N ARG B 71 -8.68 26.90 -11.36
CA ARG B 71 -8.24 27.23 -12.72
C ARG B 71 -7.18 28.28 -12.99
N ILE B 72 -6.01 27.83 -13.38
CA ILE B 72 -4.92 28.72 -13.75
C ILE B 72 -4.14 28.07 -14.88
N PRO B 73 -3.47 28.88 -15.70
CA PRO B 73 -2.69 28.40 -16.84
C PRO B 73 -1.62 27.34 -16.56
N HIS B 74 -1.26 27.18 -15.29
CA HIS B 74 -0.20 26.26 -14.89
C HIS B 74 -0.58 24.88 -14.39
N ARG B 75 -1.86 24.59 -14.24
CA ARG B 75 -2.24 23.25 -13.79
C ARG B 75 -1.98 22.27 -14.96
N THR B 76 -1.19 21.23 -14.68
CA THR B 76 -0.86 20.21 -15.66
C THR B 76 -1.17 18.86 -15.01
N LEU B 77 -1.47 17.86 -15.82
CA LEU B 77 -1.79 16.53 -15.33
C LEU B 77 -0.52 15.76 -14.96
N LEU B 78 -0.39 15.40 -13.68
CA LEU B 78 0.76 14.65 -13.15
C LEU B 78 0.44 13.17 -13.21
N MET B 79 1.42 12.32 -13.48
CA MET B 79 1.19 10.90 -13.55
C MET B 79 2.38 10.08 -12.98
N ASN B 80 2.16 9.41 -11.85
CA ASN B 80 3.18 8.60 -11.17
C ASN B 80 2.66 7.20 -10.99
N GLU B 81 3.51 6.30 -10.54
CA GLU B 81 3.08 4.95 -10.31
C GLU B 81 2.35 5.00 -8.98
N LEU B 82 1.36 4.13 -8.82
CA LEU B 82 0.62 4.14 -7.58
C LEU B 82 1.57 3.88 -6.43
N GLY B 83 1.71 4.87 -5.56
CA GLY B 83 2.56 4.70 -4.41
C GLY B 83 3.71 5.68 -4.37
N VAL B 84 4.19 6.12 -5.53
CA VAL B 84 5.27 7.07 -5.52
C VAL B 84 4.65 8.48 -5.56
N PRO B 85 4.91 9.28 -4.50
CA PRO B 85 4.36 10.63 -4.44
C PRO B 85 4.89 11.56 -5.54
N PHE B 86 4.17 12.63 -5.76
CA PHE B 86 4.51 13.59 -6.78
C PHE B 86 5.65 14.51 -6.37
N HIS B 87 6.87 13.97 -6.56
CA HIS B 87 8.13 14.66 -6.27
C HIS B 87 8.56 15.38 -7.57
N LEU B 88 9.71 16.05 -7.55
CA LEU B 88 10.17 16.80 -8.71
C LEU B 88 10.52 15.97 -9.96
N GLY B 89 10.59 14.65 -9.81
CA GLY B 89 10.92 13.83 -10.95
C GLY B 89 9.67 13.47 -11.70
N THR B 90 8.54 13.86 -11.11
CA THR B 90 7.21 13.59 -11.65
C THR B 90 7.02 14.28 -12.98
N ARG B 91 6.38 13.57 -13.89
CA ARG B 91 6.12 14.05 -15.23
C ARG B 91 4.74 14.72 -15.35
N GLN B 92 4.74 15.86 -16.03
CA GLN B 92 3.52 16.61 -16.30
C GLN B 92 3.13 16.17 -17.73
N VAL B 93 2.20 15.23 -17.78
CA VAL B 93 1.73 14.65 -19.02
C VAL B 93 1.07 15.62 -20.02
N CYS B 94 0.63 16.79 -19.55
CA CYS B 94 -0.04 17.78 -20.41
C CYS B 94 -0.53 18.97 -19.59
N ILE B 95 -0.92 20.06 -20.26
CA ILE B 95 -1.44 21.23 -19.55
C ILE B 95 -2.94 20.92 -19.38
N ALA B 96 -3.42 20.94 -18.13
CA ALA B 96 -4.79 20.60 -17.81
C ALA B 96 -5.25 21.04 -16.41
N TRP B 97 -6.42 21.69 -16.35
CA TRP B 97 -7.06 22.07 -15.10
C TRP B 97 -8.37 21.25 -14.94
N SER B 98 -8.50 20.21 -15.77
CA SER B 98 -9.62 19.26 -15.74
C SER B 98 -9.21 18.11 -16.66
N SER B 99 -9.19 16.87 -16.15
CA SER B 99 -8.78 15.70 -16.96
C SER B 99 -9.50 14.35 -16.80
N SER B 100 -8.99 13.38 -17.54
CA SER B 100 -9.49 12.02 -17.50
C SER B 100 -8.41 11.22 -18.21
N SER B 101 -8.31 9.93 -17.94
CA SER B 101 -7.31 9.08 -18.56
C SER B 101 -7.80 7.63 -18.48
N CYS B 102 -7.40 6.87 -19.47
CA CYS B 102 -7.76 5.46 -19.52
C CYS B 102 -6.77 4.86 -20.47
N HIS B 103 -6.69 3.55 -20.47
CA HIS B 103 -5.75 2.88 -21.32
C HIS B 103 -6.55 1.85 -22.06
N ASP B 104 -6.64 1.98 -23.37
CA ASP B 104 -7.43 1.05 -24.18
C ASP B 104 -6.93 -0.38 -24.24
N GLY B 105 -5.89 -0.65 -23.47
CA GLY B 105 -5.27 -1.96 -23.48
C GLY B 105 -4.01 -1.90 -24.32
N LYS B 106 -3.93 -0.96 -25.26
CA LYS B 106 -2.74 -0.82 -26.09
C LYS B 106 -1.90 0.40 -25.74
N ALA B 107 -2.54 1.52 -25.37
CA ALA B 107 -1.86 2.77 -24.99
C ALA B 107 -2.72 3.68 -24.13
N TRP B 108 -2.11 4.64 -23.47
CA TRP B 108 -2.87 5.55 -22.63
C TRP B 108 -3.51 6.64 -23.49
N LEU B 109 -4.54 7.27 -22.93
CA LEU B 109 -5.26 8.36 -23.58
C LEU B 109 -5.62 9.33 -22.47
N HIS B 110 -5.28 10.60 -22.64
CA HIS B 110 -5.58 11.60 -21.62
C HIS B 110 -6.33 12.69 -22.33
N VAL B 111 -7.35 13.24 -21.66
CA VAL B 111 -8.12 14.34 -22.21
C VAL B 111 -7.85 15.41 -21.22
N CYS B 112 -7.08 16.40 -21.65
CA CYS B 112 -6.65 17.48 -20.80
C CYS B 112 -7.32 18.72 -21.29
N ILE B 113 -7.76 19.54 -20.34
CA ILE B 113 -8.51 20.78 -20.59
C ILE B 113 -7.94 22.02 -19.89
N THR B 114 -7.65 23.07 -20.67
CA THR B 114 -7.13 24.36 -20.20
C THR B 114 -7.62 25.44 -21.14
N GLY B 115 -7.55 26.68 -20.67
CA GLY B 115 -7.96 27.80 -21.48
C GLY B 115 -8.82 28.69 -20.63
N ASP B 116 -9.36 29.72 -21.27
CA ASP B 116 -10.23 30.65 -20.59
C ASP B 116 -11.50 29.86 -20.32
N ASP B 117 -12.21 30.21 -19.24
CA ASP B 117 -13.45 29.54 -18.87
C ASP B 117 -14.43 29.71 -20.01
N LYS B 118 -14.45 30.93 -20.53
CA LYS B 118 -15.30 31.33 -21.63
C LYS B 118 -14.98 30.65 -22.96
N ASN B 119 -13.72 30.28 -23.19
CA ASN B 119 -13.35 29.63 -24.45
C ASN B 119 -12.18 28.63 -24.35
N ALA B 120 -12.35 27.58 -23.55
CA ALA B 120 -11.29 26.58 -23.39
C ALA B 120 -11.29 25.55 -24.51
N THR B 121 -10.13 24.89 -24.65
CA THR B 121 -9.93 23.83 -25.63
C THR B 121 -9.61 22.57 -24.82
N ALA B 122 -9.85 21.40 -25.40
CA ALA B 122 -9.59 20.15 -24.74
C ALA B 122 -8.76 19.30 -25.69
N SER B 123 -7.50 19.08 -25.34
CA SER B 123 -6.60 18.29 -26.17
C SER B 123 -6.78 16.81 -25.87
N PHE B 124 -6.87 16.04 -26.94
CA PHE B 124 -7.00 14.60 -26.89
C PHE B 124 -5.66 14.06 -27.28
N ILE B 125 -4.88 13.66 -26.28
CA ILE B 125 -3.55 13.12 -26.50
C ILE B 125 -3.59 11.61 -26.36
N TYR B 126 -3.12 10.92 -27.41
CA TYR B 126 -3.09 9.47 -27.44
C TYR B 126 -1.73 8.91 -27.80
N ASP B 127 -1.20 8.07 -26.91
CA ASP B 127 0.04 7.40 -27.13
C ASP B 127 1.20 8.37 -27.42
N GLY B 128 1.33 9.35 -26.54
CA GLY B 128 2.39 10.34 -26.67
C GLY B 128 2.02 11.54 -27.52
N ARG B 129 1.47 11.30 -28.70
CA ARG B 129 1.09 12.38 -29.57
C ARG B 129 -0.29 13.02 -29.39
N LEU B 130 -0.41 14.28 -29.81
CA LEU B 130 -1.67 15.05 -29.73
C LEU B 130 -2.46 14.72 -31.01
N VAL B 131 -3.47 13.89 -30.83
CA VAL B 131 -4.33 13.43 -31.93
C VAL B 131 -5.59 14.24 -32.33
N ASP B 132 -6.17 15.00 -31.40
CA ASP B 132 -7.38 15.79 -31.68
C ASP B 132 -7.55 16.86 -30.60
N SER B 133 -8.65 17.60 -30.69
CA SER B 133 -8.99 18.65 -29.75
C SER B 133 -10.40 19.19 -30.04
N ILE B 134 -10.93 19.97 -29.09
CA ILE B 134 -12.26 20.54 -29.23
C ILE B 134 -12.38 21.80 -28.40
N GLY B 135 -13.23 22.71 -28.84
CA GLY B 135 -13.42 23.94 -28.10
C GLY B 135 -14.69 23.86 -27.31
N SER B 136 -14.82 24.80 -26.38
CA SER B 136 -15.99 24.93 -25.51
C SER B 136 -17.25 25.14 -26.34
N TRP B 137 -18.28 24.31 -26.15
CA TRP B 137 -19.52 24.46 -26.91
C TRP B 137 -20.57 25.36 -26.28
N SER B 138 -20.44 25.67 -25.00
CA SER B 138 -21.40 26.53 -24.32
C SER B 138 -20.71 27.71 -23.72
N GLN B 139 -19.42 27.88 -24.02
CA GLN B 139 -18.67 29.02 -23.50
C GLN B 139 -18.74 29.25 -21.98
N ASN B 140 -18.75 28.18 -21.18
CA ASN B 140 -18.80 28.29 -19.72
C ASN B 140 -18.16 27.12 -18.93
N ILE B 141 -16.82 27.16 -18.86
CA ILE B 141 -15.95 26.18 -18.16
C ILE B 141 -16.07 24.71 -18.58
N LEU B 142 -15.80 24.43 -19.86
CA LEU B 142 -15.81 23.06 -20.41
C LEU B 142 -15.01 22.19 -19.42
N ARG B 143 -15.66 21.23 -18.77
CA ARG B 143 -14.97 20.41 -17.81
C ARG B 143 -15.23 18.94 -18.00
N THR B 144 -14.32 18.08 -17.54
CA THR B 144 -14.54 16.65 -17.69
C THR B 144 -14.58 15.88 -16.35
N GLN B 145 -14.62 14.54 -16.47
CA GLN B 145 -14.73 13.63 -15.35
C GLN B 145 -13.88 13.86 -14.10
N GLU B 146 -12.56 13.98 -14.26
CA GLU B 146 -11.61 14.15 -13.14
C GLU B 146 -11.31 12.78 -12.54
N SER B 147 -11.55 11.72 -13.32
CA SER B 147 -11.28 10.32 -12.95
C SER B 147 -11.13 9.52 -14.24
N GLU B 148 -10.84 8.23 -14.12
CA GLU B 148 -10.64 7.33 -15.26
C GLU B 148 -11.79 7.13 -16.30
N CYS B 149 -11.47 7.32 -17.57
CA CYS B 149 -12.42 7.09 -18.65
C CYS B 149 -12.36 5.58 -18.94
N VAL B 150 -13.30 5.05 -19.72
CA VAL B 150 -13.26 3.62 -19.99
C VAL B 150 -13.39 3.26 -21.47
N CYS B 151 -12.66 2.23 -21.89
CA CYS B 151 -12.65 1.82 -23.27
C CYS B 151 -12.97 0.34 -23.42
N ILE B 152 -13.67 0.01 -24.50
CA ILE B 152 -14.01 -1.37 -24.82
C ILE B 152 -13.80 -1.50 -26.33
N ASN B 153 -13.06 -2.52 -26.75
CA ASN B 153 -12.79 -2.73 -28.17
C ASN B 153 -12.21 -1.51 -28.90
N GLY B 154 -11.28 -0.82 -28.25
CA GLY B 154 -10.65 0.32 -28.88
C GLY B 154 -11.38 1.64 -28.85
N THR B 155 -12.54 1.70 -28.21
CA THR B 155 -13.28 2.96 -28.17
C THR B 155 -13.40 3.45 -26.73
N CYS B 156 -12.85 4.63 -26.44
CA CYS B 156 -12.94 5.15 -25.10
C CYS B 156 -14.02 6.17 -24.98
N THR B 157 -14.92 6.01 -24.02
CA THR B 157 -15.95 7.02 -23.87
C THR B 157 -15.78 7.89 -22.64
N VAL B 158 -15.45 9.16 -22.89
CA VAL B 158 -15.31 10.14 -21.82
C VAL B 158 -16.57 11.03 -21.94
N VAL B 159 -17.03 11.58 -20.83
CA VAL B 159 -18.21 12.45 -20.88
C VAL B 159 -17.72 13.83 -20.46
N MET B 160 -18.32 14.88 -21.00
CA MET B 160 -17.91 16.22 -20.64
C MET B 160 -19.11 17.11 -20.64
N THR B 161 -19.09 18.12 -19.79
CA THR B 161 -20.17 19.07 -19.68
C THR B 161 -19.59 20.51 -19.74
N ASP B 162 -20.42 21.46 -20.17
CA ASP B 162 -20.02 22.87 -20.31
C ASP B 162 -21.33 23.62 -20.07
N GLY B 163 -21.32 24.70 -19.28
CA GLY B 163 -22.54 25.43 -19.00
C GLY B 163 -22.55 26.02 -17.59
N SER B 164 -23.68 25.96 -16.89
CA SER B 164 -23.77 26.52 -15.55
C SER B 164 -23.56 25.47 -14.47
N ALA B 165 -22.73 25.81 -13.49
CA ALA B 165 -22.41 24.95 -12.35
C ALA B 165 -23.65 24.64 -11.55
N SER B 166 -24.46 25.67 -11.31
CA SER B 166 -25.68 25.54 -10.55
C SER B 166 -26.90 25.94 -11.38
N GLY B 167 -27.01 25.34 -12.56
CA GLY B 167 -28.13 25.63 -13.44
C GLY B 167 -27.96 24.74 -14.64
N ARG B 168 -28.88 24.79 -15.59
CA ARG B 168 -28.80 23.97 -16.78
C ARG B 168 -27.38 23.96 -17.40
N ALA B 169 -26.98 22.83 -17.95
CA ALA B 169 -25.66 22.74 -18.56
C ALA B 169 -25.74 21.94 -19.85
N ASP B 170 -24.59 21.62 -20.44
CA ASP B 170 -24.60 20.87 -21.69
C ASP B 170 -23.63 19.70 -21.60
N THR B 171 -24.18 18.54 -21.31
CA THR B 171 -23.42 17.34 -21.14
C THR B 171 -23.38 16.56 -22.44
N ARG B 172 -22.19 16.15 -22.80
CA ARG B 172 -21.99 15.43 -24.04
C ARG B 172 -21.14 14.26 -23.68
N ILE B 173 -21.32 13.18 -24.42
CA ILE B 173 -20.62 11.96 -24.21
C ILE B 173 -19.83 11.76 -25.49
N LEU B 174 -18.51 11.71 -25.28
CA LEU B 174 -17.52 11.56 -26.32
C LEU B 174 -17.01 10.17 -26.56
N PHE B 175 -16.92 9.79 -27.81
CA PHE B 175 -16.41 8.48 -28.17
C PHE B 175 -15.15 8.69 -28.96
N ILE B 176 -14.01 8.34 -28.35
CA ILE B 176 -12.74 8.54 -29.01
C ILE B 176 -11.94 7.27 -29.28
N GLU B 177 -11.59 7.02 -30.54
CA GLU B 177 -10.81 5.81 -30.89
C GLU B 177 -9.38 6.18 -31.24
N GLU B 178 -8.41 5.77 -30.43
CA GLU B 178 -7.01 6.13 -30.71
C GLU B 178 -6.81 7.67 -30.77
N GLY B 179 -7.33 8.40 -29.79
CA GLY B 179 -7.16 9.84 -29.79
C GLY B 179 -8.09 10.65 -30.71
N LYS B 180 -8.84 9.96 -31.55
CA LYS B 180 -9.73 10.60 -32.52
C LYS B 180 -11.20 10.54 -32.07
N ILE B 181 -11.89 11.70 -32.04
CA ILE B 181 -13.31 11.78 -31.66
C ILE B 181 -14.16 11.19 -32.79
N VAL B 182 -14.58 9.95 -32.65
CA VAL B 182 -15.34 9.28 -33.68
C VAL B 182 -16.82 9.49 -33.53
N HIS B 183 -17.26 10.18 -32.48
CA HIS B 183 -18.70 10.41 -32.28
C HIS B 183 -18.99 11.17 -31.01
N ILE B 184 -20.06 11.96 -31.05
CA ILE B 184 -20.50 12.71 -29.87
C ILE B 184 -22.02 12.50 -29.77
N SER B 185 -22.49 12.04 -28.59
CA SER B 185 -23.91 11.80 -28.31
C SER B 185 -24.28 12.71 -27.16
N PRO B 186 -25.52 13.26 -27.15
CA PRO B 186 -25.89 14.15 -26.05
C PRO B 186 -26.60 13.41 -24.91
N LEU B 187 -26.51 13.99 -23.71
CA LEU B 187 -27.14 13.40 -22.54
C LEU B 187 -28.65 13.26 -22.78
N ALA B 188 -29.20 12.13 -22.34
CA ALA B 188 -30.61 11.84 -22.49
C ALA B 188 -31.10 11.20 -21.18
N GLY B 189 -32.42 11.23 -20.98
CA GLY B 189 -33.01 10.63 -19.79
C GLY B 189 -33.48 11.71 -18.84
N SER B 190 -33.59 11.36 -17.56
CA SER B 190 -34.06 12.29 -16.53
C SER B 190 -33.04 13.03 -15.65
N ALA B 191 -31.75 12.79 -15.83
CA ALA B 191 -30.76 13.48 -14.99
C ALA B 191 -30.84 15.00 -15.20
N GLN B 192 -30.63 15.80 -14.15
CA GLN B 192 -30.74 17.25 -14.29
C GLN B 192 -29.45 18.06 -14.17
N HIS B 193 -28.32 17.40 -14.04
CA HIS B 193 -27.03 18.09 -13.96
C HIS B 193 -26.02 17.00 -13.81
N VAL B 194 -25.08 16.97 -14.73
CA VAL B 194 -24.06 15.96 -14.70
C VAL B 194 -22.69 16.59 -14.71
N GLU B 195 -21.98 16.44 -13.61
CA GLU B 195 -20.63 16.96 -13.50
C GLU B 195 -19.78 15.82 -12.94
N GLU B 196 -18.51 15.81 -13.36
CA GLU B 196 -17.52 14.83 -12.97
C GLU B 196 -17.98 13.39 -12.67
N CYS B 197 -18.32 12.64 -13.72
CA CYS B 197 -18.77 11.27 -13.55
C CYS B 197 -17.69 10.26 -13.16
N SER B 198 -18.10 9.31 -12.33
CA SER B 198 -17.25 8.24 -11.91
C SER B 198 -17.84 7.14 -12.74
N CYS B 199 -17.06 6.64 -13.67
CA CYS B 199 -17.54 5.63 -14.59
C CYS B 199 -16.75 4.32 -14.51
N TYR B 200 -17.42 3.24 -14.91
CA TYR B 200 -16.84 1.91 -14.90
C TYR B 200 -17.50 1.06 -15.97
N PRO B 201 -16.82 0.01 -16.44
CA PRO B 201 -17.44 -0.85 -17.45
C PRO B 201 -18.50 -1.78 -16.83
N ARG B 202 -19.40 -2.25 -17.67
CA ARG B 202 -20.46 -3.20 -17.31
C ARG B 202 -20.80 -3.79 -18.64
N TYR B 203 -19.80 -4.45 -19.23
CA TYR B 203 -19.95 -5.07 -20.53
C TYR B 203 -21.43 -5.53 -20.81
N PRO B 204 -21.96 -5.19 -21.99
CA PRO B 204 -21.24 -4.41 -23.02
C PRO B 204 -21.38 -2.92 -22.93
N GLY B 205 -21.45 -2.37 -21.73
CA GLY B 205 -21.58 -0.92 -21.64
C GLY B 205 -20.71 -0.27 -20.59
N VAL B 206 -20.91 1.03 -20.41
CA VAL B 206 -20.19 1.80 -19.41
C VAL B 206 -21.29 2.48 -18.56
N ARG B 207 -21.08 2.55 -17.25
CA ARG B 207 -22.06 3.16 -16.36
C ARG B 207 -21.40 4.22 -15.48
N CYS B 208 -22.08 5.33 -15.29
CA CYS B 208 -21.54 6.42 -14.52
C CYS B 208 -22.42 6.85 -13.40
N ILE B 209 -21.81 7.37 -12.34
CA ILE B 209 -22.51 7.92 -11.20
C ILE B 209 -21.79 9.28 -11.12
N CYS B 210 -22.54 10.36 -11.10
CA CYS B 210 -21.90 11.66 -11.13
C CYS B 210 -22.37 12.61 -10.06
N ARG B 211 -22.17 13.90 -10.30
CA ARG B 211 -22.53 14.95 -9.36
C ARG B 211 -23.54 15.94 -9.93
N ASP B 212 -24.70 16.05 -9.27
CA ASP B 212 -25.74 17.03 -9.64
C ASP B 212 -25.42 18.19 -8.67
N ASN B 213 -24.86 19.24 -9.25
CA ASN B 213 -24.41 20.45 -8.56
C ASN B 213 -25.48 21.54 -8.55
N TRP B 214 -26.66 21.18 -9.03
CA TRP B 214 -27.76 22.14 -9.15
C TRP B 214 -28.98 21.87 -8.27
N LYS B 215 -29.68 20.78 -8.52
CA LYS B 215 -30.87 20.45 -7.75
C LYS B 215 -30.86 19.10 -7.08
N GLY B 216 -29.77 18.36 -7.24
CA GLY B 216 -29.65 17.02 -6.67
C GLY B 216 -28.69 16.78 -5.50
N SER B 217 -29.19 15.95 -4.59
CA SER B 217 -28.51 15.48 -3.39
C SER B 217 -28.32 14.01 -3.72
N ASN B 218 -29.26 13.48 -4.49
CA ASN B 218 -29.15 12.13 -4.95
C ASN B 218 -28.19 12.24 -6.15
N ARG B 219 -27.63 11.12 -6.59
CA ARG B 219 -26.68 11.14 -7.68
C ARG B 219 -27.22 10.73 -9.04
N PRO B 220 -26.86 11.47 -10.10
CA PRO B 220 -27.33 11.13 -11.43
C PRO B 220 -26.65 9.86 -11.91
N VAL B 221 -27.36 9.05 -12.64
CA VAL B 221 -26.79 7.85 -13.21
C VAL B 221 -26.73 8.15 -14.72
N VAL B 222 -25.65 7.78 -15.39
CA VAL B 222 -25.54 8.04 -16.82
C VAL B 222 -25.12 6.76 -17.53
N ASP B 223 -26.04 6.09 -18.22
CA ASP B 223 -25.74 4.83 -18.92
C ASP B 223 -25.43 4.93 -20.42
N ILE B 224 -24.18 4.60 -20.76
CA ILE B 224 -23.72 4.69 -22.13
C ILE B 224 -23.78 3.32 -22.78
N ASN B 225 -24.15 3.33 -24.05
CA ASN B 225 -24.29 2.13 -24.84
C ASN B 225 -23.23 2.28 -25.90
N MET B 226 -22.24 1.40 -25.90
CA MET B 226 -21.17 1.52 -26.88
C MET B 226 -21.62 0.99 -28.24
N GLU B 227 -22.61 0.10 -28.24
CA GLU B 227 -23.13 -0.51 -29.46
C GLU B 227 -23.73 0.51 -30.46
N ASP B 228 -24.29 1.59 -29.94
CA ASP B 228 -24.90 2.58 -30.82
C ASP B 228 -24.89 3.99 -30.25
N TYR B 229 -23.93 4.26 -29.40
CA TYR B 229 -23.80 5.60 -28.83
C TYR B 229 -25.03 6.13 -28.09
N SER B 230 -26.02 5.27 -27.80
CA SER B 230 -27.21 5.69 -27.06
C SER B 230 -26.83 6.04 -25.62
N ILE B 231 -27.60 6.91 -25.00
CA ILE B 231 -27.34 7.40 -23.65
C ILE B 231 -28.65 7.38 -22.87
N ASP B 232 -28.57 7.24 -21.56
CA ASP B 232 -29.74 7.26 -20.71
C ASP B 232 -29.25 7.81 -19.39
N SER B 233 -30.11 8.49 -18.66
CA SER B 233 -29.70 9.04 -17.38
C SER B 233 -30.86 8.97 -16.40
N SER B 234 -30.54 8.74 -15.14
CA SER B 234 -31.51 8.62 -14.07
C SER B 234 -30.81 9.06 -12.81
N TYR B 235 -31.28 8.53 -11.67
CA TYR B 235 -30.69 8.78 -10.35
C TYR B 235 -30.67 7.49 -9.59
N VAL B 236 -29.79 7.45 -8.60
CA VAL B 236 -29.67 6.27 -7.78
C VAL B 236 -30.89 6.17 -6.90
N CYS B 237 -31.37 4.95 -6.70
CA CYS B 237 -32.57 4.74 -5.89
C CYS B 237 -32.38 4.94 -4.39
N SER B 238 -31.31 4.39 -3.82
CA SER B 238 -31.08 4.53 -2.37
C SER B 238 -31.60 5.81 -1.73
N GLY B 239 -32.45 5.66 -0.73
CA GLY B 239 -32.92 6.82 -0.02
C GLY B 239 -31.78 7.31 0.85
N LEU B 240 -30.72 6.50 0.94
CA LEU B 240 -29.55 6.88 1.74
C LEU B 240 -28.87 8.12 1.18
N VAL B 241 -28.60 8.14 -0.13
CA VAL B 241 -28.04 9.33 -0.77
C VAL B 241 -26.58 9.65 -0.45
N GLY B 242 -25.81 9.96 -1.50
CA GLY B 242 -24.39 10.22 -1.29
C GLY B 242 -23.69 11.50 -1.74
N ASP B 243 -24.41 12.61 -1.86
CA ASP B 243 -23.82 13.90 -2.26
C ASP B 243 -23.69 14.70 -0.97
N THR B 244 -22.90 15.76 -0.99
CA THR B 244 -22.70 16.64 0.16
C THR B 244 -22.64 18.06 -0.39
N PRO B 245 -23.48 18.98 0.12
CA PRO B 245 -24.48 18.81 1.19
C PRO B 245 -25.52 17.76 0.86
N ARG B 246 -25.84 16.99 1.89
CA ARG B 246 -26.81 15.91 1.84
C ARG B 246 -27.85 16.43 2.81
N ASN B 247 -28.98 15.73 2.87
CA ASN B 247 -30.05 16.17 3.75
C ASN B 247 -29.87 15.59 5.15
N ASP B 248 -30.26 14.32 5.31
CA ASP B 248 -30.22 13.68 6.61
C ASP B 248 -30.72 12.27 6.35
N ASP B 249 -30.25 11.31 7.13
CA ASP B 249 -30.66 9.94 6.88
C ASP B 249 -32.15 9.67 6.94
N ARG B 250 -32.80 10.23 7.94
CA ARG B 250 -34.25 10.08 8.10
C ARG B 250 -34.97 10.88 7.03
N SER B 251 -34.51 12.11 6.79
CA SER B 251 -35.14 12.98 5.83
C SER B 251 -34.52 13.12 4.41
N SER B 252 -34.07 12.02 3.81
CA SER B 252 -33.49 12.09 2.47
C SER B 252 -34.20 11.11 1.57
N ASN B 253 -34.50 11.52 0.34
CA ASN B 253 -35.21 10.62 -0.55
C ASN B 253 -34.68 10.64 -1.97
N SER B 254 -35.12 9.63 -2.72
CA SER B 254 -34.77 9.46 -4.11
C SER B 254 -35.73 8.44 -4.75
N ASN B 255 -36.36 8.82 -5.86
CA ASN B 255 -37.29 7.92 -6.53
C ASN B 255 -36.70 7.25 -7.75
N CYS B 256 -35.39 7.42 -7.93
CA CYS B 256 -34.64 6.84 -9.07
C CYS B 256 -34.91 7.62 -10.35
N ARG B 257 -35.67 8.70 -10.25
CA ARG B 257 -36.01 9.44 -11.44
C ARG B 257 -35.67 10.91 -11.49
N ASP B 258 -35.94 11.63 -10.40
CA ASP B 258 -35.72 13.07 -10.40
C ASP B 258 -34.87 13.62 -9.25
N PRO B 259 -34.10 14.70 -9.50
CA PRO B 259 -33.27 15.30 -8.46
C PRO B 259 -34.13 15.57 -7.26
N ASN B 260 -33.91 14.82 -6.19
CA ASN B 260 -34.70 14.97 -4.96
C ASN B 260 -34.91 16.39 -4.40
N ASN B 261 -34.31 17.38 -5.03
CA ASN B 261 -34.44 18.76 -4.58
C ASN B 261 -34.11 19.00 -3.11
N GLU B 262 -33.43 18.05 -2.46
CA GLU B 262 -33.06 18.25 -1.07
C GLU B 262 -31.61 18.71 -1.05
N ARG B 263 -31.40 20.00 -0.77
CA ARG B 263 -30.07 20.59 -0.72
C ARG B 263 -29.24 20.28 -1.98
N GLY B 264 -29.93 20.13 -3.12
CA GLY B 264 -29.30 19.79 -4.39
C GLY B 264 -28.06 20.55 -4.85
N THR B 265 -28.12 21.88 -4.74
CA THR B 265 -27.01 22.76 -5.13
C THR B 265 -25.73 22.46 -4.35
N GLN B 266 -24.64 22.49 -5.11
CA GLN B 266 -23.30 22.15 -4.65
C GLN B 266 -23.18 20.62 -4.67
N GLY B 267 -21.96 20.15 -4.47
CA GLY B 267 -21.71 18.73 -4.51
C GLY B 267 -20.26 18.42 -4.29
N VAL B 268 -19.89 17.22 -4.69
CA VAL B 268 -18.52 16.72 -4.52
C VAL B 268 -18.51 15.48 -5.41
N LYS B 269 -17.38 15.19 -6.05
CA LYS B 269 -17.30 14.01 -6.90
C LYS B 269 -17.32 12.81 -5.97
N GLY B 270 -18.04 11.79 -6.38
CA GLY B 270 -18.15 10.60 -5.59
C GLY B 270 -18.42 9.51 -6.58
N TRP B 271 -18.74 8.33 -6.06
CA TRP B 271 -18.98 7.14 -6.87
C TRP B 271 -19.95 6.23 -6.12
N ALA B 272 -20.29 5.13 -6.78
CA ALA B 272 -21.18 4.10 -6.28
C ALA B 272 -21.11 3.07 -7.40
N PHE B 273 -21.72 1.92 -7.23
CA PHE B 273 -21.72 0.92 -8.29
C PHE B 273 -22.60 -0.20 -7.81
N ASP B 274 -23.47 -0.67 -8.70
CA ASP B 274 -24.41 -1.73 -8.40
C ASP B 274 -23.82 -3.10 -8.05
N ASN B 275 -24.73 -4.06 -7.93
CA ASN B 275 -24.44 -5.47 -7.68
C ASN B 275 -25.81 -6.08 -7.47
N GLY B 276 -26.33 -6.68 -8.53
CA GLY B 276 -27.66 -7.27 -8.48
C GLY B 276 -28.59 -6.08 -8.33
N ASN B 277 -29.34 -6.03 -7.24
CA ASN B 277 -30.25 -4.92 -7.00
C ASN B 277 -29.66 -4.11 -5.88
N ASP B 278 -28.40 -4.39 -5.54
CA ASP B 278 -27.72 -3.71 -4.44
C ASP B 278 -26.81 -2.61 -4.91
N LEU B 279 -26.43 -1.75 -3.97
CA LEU B 279 -25.58 -0.63 -4.28
C LEU B 279 -24.40 -0.44 -3.31
N TRP B 280 -23.18 -0.63 -3.79
CA TRP B 280 -22.00 -0.39 -2.97
C TRP B 280 -21.77 1.12 -3.14
N MET B 281 -21.71 1.85 -2.04
CA MET B 281 -21.52 3.28 -2.17
C MET B 281 -20.60 3.87 -1.12
N GLY B 282 -20.14 5.09 -1.37
CA GLY B 282 -19.26 5.75 -0.44
C GLY B 282 -19.64 7.21 -0.32
N ARG B 283 -19.28 7.84 0.79
CA ARG B 283 -19.57 9.24 0.97
C ARG B 283 -18.90 9.82 2.22
N THR B 284 -18.69 11.13 2.22
CA THR B 284 -18.14 11.80 3.39
C THR B 284 -19.17 11.50 4.48
N ILE B 285 -18.76 11.17 5.69
CA ILE B 285 -19.77 10.92 6.70
C ILE B 285 -20.59 12.20 6.99
N SER B 286 -19.97 13.35 6.83
CA SER B 286 -20.67 14.61 7.05
C SER B 286 -21.56 14.92 5.85
N LYS B 287 -22.67 15.60 6.12
CA LYS B 287 -23.62 15.99 5.08
C LYS B 287 -23.57 17.50 4.90
N ASP B 288 -22.63 18.14 5.58
CA ASP B 288 -22.47 19.58 5.46
C ASP B 288 -21.11 19.91 4.85
N LEU B 289 -20.08 19.23 5.34
CA LEU B 289 -18.72 19.42 4.88
C LEU B 289 -18.21 18.08 4.37
N ARG B 290 -16.97 18.07 3.86
CA ARG B 290 -16.28 16.86 3.39
C ARG B 290 -15.38 16.43 4.54
N SER B 291 -15.89 15.53 5.39
CA SER B 291 -15.10 15.08 6.53
C SER B 291 -15.45 13.64 6.79
N GLY B 292 -14.44 12.84 7.09
CA GLY B 292 -14.66 11.43 7.33
C GLY B 292 -15.19 10.79 6.05
N TYR B 293 -15.20 9.47 6.00
CA TYR B 293 -15.69 8.82 4.82
C TYR B 293 -15.95 7.38 5.21
N GLU B 294 -17.18 6.94 4.97
CA GLU B 294 -17.60 5.58 5.25
C GLU B 294 -18.13 5.00 3.94
N THR B 295 -18.27 3.68 3.89
CA THR B 295 -18.79 3.00 2.71
C THR B 295 -19.78 1.97 3.23
N PHE B 296 -20.74 1.58 2.41
CA PHE B 296 -21.69 0.57 2.83
C PHE B 296 -22.45 0.02 1.65
N LYS B 297 -23.14 -1.09 1.87
CA LYS B 297 -23.96 -1.66 0.81
C LYS B 297 -25.39 -1.36 1.26
N VAL B 298 -26.23 -0.95 0.31
CA VAL B 298 -27.64 -0.63 0.55
C VAL B 298 -28.40 -1.73 -0.14
N ILE B 299 -28.98 -2.60 0.67
CA ILE B 299 -29.72 -3.73 0.17
C ILE B 299 -30.92 -3.14 -0.55
N GLY B 300 -31.05 -3.49 -1.82
CA GLY B 300 -32.14 -2.97 -2.64
C GLY B 300 -31.98 -1.51 -3.10
N GLY B 301 -30.79 -0.95 -2.94
CA GLY B 301 -30.57 0.43 -3.33
C GLY B 301 -30.33 0.69 -4.80
N TRP B 302 -30.31 -0.35 -5.61
CA TRP B 302 -30.11 -0.12 -7.03
C TRP B 302 -31.43 -0.27 -7.79
N SER B 303 -32.43 -0.82 -7.13
CA SER B 303 -33.69 -1.07 -7.80
C SER B 303 -34.95 -0.55 -7.12
N THR B 304 -34.90 -0.34 -5.82
CA THR B 304 -36.07 0.13 -5.14
C THR B 304 -35.85 1.55 -4.62
N PRO B 305 -36.72 2.47 -5.06
CA PRO B 305 -36.62 3.87 -4.64
C PRO B 305 -36.69 4.05 -3.13
N ASN B 306 -35.93 5.02 -2.64
CA ASN B 306 -35.91 5.37 -1.23
C ASN B 306 -35.59 4.21 -0.29
N SER B 307 -34.80 3.26 -0.79
CA SER B 307 -34.37 2.12 0.01
C SER B 307 -33.28 2.61 0.97
N LYS B 308 -33.42 2.35 2.26
CA LYS B 308 -32.41 2.77 3.21
C LYS B 308 -31.97 1.67 4.20
N SER B 309 -32.02 0.41 3.79
CA SER B 309 -31.61 -0.67 4.67
C SER B 309 -30.14 -1.03 4.35
N GLN B 310 -29.20 -0.49 5.13
CA GLN B 310 -27.81 -0.79 4.82
C GLN B 310 -27.20 -1.96 5.59
N ILE B 311 -26.05 -2.42 5.12
CA ILE B 311 -25.32 -3.53 5.70
C ILE B 311 -23.86 -3.28 5.28
N ASN B 312 -22.92 -3.95 5.96
CA ASN B 312 -21.48 -3.83 5.67
C ASN B 312 -20.74 -2.47 5.71
N ARG B 313 -21.27 -1.47 6.40
CA ARG B 313 -20.54 -0.19 6.46
C ARG B 313 -19.07 -0.35 6.91
N GLN B 314 -18.22 0.62 6.53
CA GLN B 314 -16.80 0.63 6.90
C GLN B 314 -16.42 2.08 6.98
N VAL B 315 -15.58 2.44 7.93
CA VAL B 315 -15.06 3.81 8.06
C VAL B 315 -13.66 3.72 7.41
N ILE B 316 -13.42 4.57 6.42
CA ILE B 316 -12.15 4.61 5.74
C ILE B 316 -11.41 5.79 6.37
N VAL B 317 -12.12 6.89 6.57
CA VAL B 317 -11.58 8.07 7.22
C VAL B 317 -12.59 8.37 8.33
N ASP B 318 -12.09 8.64 9.54
CA ASP B 318 -12.98 8.91 10.67
C ASP B 318 -13.70 10.24 10.50
N SER B 319 -14.91 10.32 11.05
CA SER B 319 -15.74 11.51 10.94
C SER B 319 -15.08 12.85 11.22
N ASP B 320 -14.03 12.89 12.06
CA ASP B 320 -13.42 14.18 12.35
C ASP B 320 -12.06 14.43 11.73
N ASN B 321 -11.97 14.06 10.47
CA ASN B 321 -10.78 14.24 9.63
C ASN B 321 -11.30 14.63 8.25
N ARG B 322 -10.47 15.33 7.48
CA ARG B 322 -10.89 15.80 6.16
C ARG B 322 -10.95 14.76 5.07
N SER B 323 -12.03 14.83 4.30
CA SER B 323 -12.31 13.96 3.17
C SER B 323 -12.21 14.89 1.90
N GLY B 324 -12.99 14.59 0.86
CA GLY B 324 -12.97 15.39 -0.35
C GLY B 324 -13.57 14.59 -1.48
N TYR B 325 -13.07 14.77 -2.70
CA TYR B 325 -13.54 14.03 -3.87
C TYR B 325 -13.28 12.55 -3.71
N SER B 326 -13.72 11.77 -4.71
CA SER B 326 -13.52 10.32 -4.71
C SER B 326 -14.07 9.71 -5.97
N GLY B 327 -13.51 8.59 -6.39
CA GLY B 327 -13.97 7.97 -7.61
C GLY B 327 -13.60 6.51 -7.68
N ILE B 328 -14.30 5.81 -8.55
CA ILE B 328 -14.10 4.39 -8.74
C ILE B 328 -12.88 4.16 -9.66
N PHE B 329 -12.59 2.89 -9.95
CA PHE B 329 -11.54 2.46 -10.86
C PHE B 329 -11.54 0.93 -10.87
N SER B 330 -11.59 0.35 -12.05
CA SER B 330 -11.66 -1.12 -12.17
C SER B 330 -10.33 -1.75 -12.51
N VAL B 331 -10.10 -2.93 -11.97
CA VAL B 331 -8.86 -3.65 -12.23
C VAL B 331 -9.35 -5.04 -12.62
N GLU B 332 -8.70 -5.67 -13.58
CA GLU B 332 -9.13 -6.99 -14.04
C GLU B 332 -8.39 -8.15 -13.41
N GLY B 333 -9.16 -9.13 -12.97
CA GLY B 333 -8.59 -10.30 -12.35
C GLY B 333 -8.53 -11.52 -13.27
N LYS B 334 -8.05 -12.63 -12.74
CA LYS B 334 -7.95 -13.85 -13.51
C LYS B 334 -9.35 -14.35 -13.86
N SER B 335 -10.34 -13.95 -13.08
CA SER B 335 -11.69 -14.43 -13.31
C SER B 335 -12.79 -13.39 -13.40
N CYS B 336 -12.59 -12.26 -12.76
CA CYS B 336 -13.60 -11.24 -12.78
C CYS B 336 -12.89 -9.92 -12.76
N ILE B 337 -13.64 -8.84 -12.57
CA ILE B 337 -13.08 -7.49 -12.49
C ILE B 337 -13.55 -6.78 -11.21
N ASN B 338 -12.59 -6.45 -10.37
CA ASN B 338 -12.84 -5.80 -9.09
C ASN B 338 -12.97 -4.30 -9.25
N ARG B 339 -13.69 -3.68 -8.33
CA ARG B 339 -13.87 -2.24 -8.36
C ARG B 339 -13.13 -1.73 -7.14
N CYS B 340 -12.45 -0.62 -7.32
CA CYS B 340 -11.68 -0.03 -6.26
C CYS B 340 -12.08 1.45 -6.20
N PHE B 341 -11.59 2.15 -5.20
CA PHE B 341 -11.90 3.57 -5.11
C PHE B 341 -10.81 4.31 -4.37
N TYR B 342 -10.69 5.59 -4.64
CA TYR B 342 -9.71 6.41 -3.95
C TYR B 342 -10.51 7.50 -3.26
N VAL B 343 -9.85 8.23 -2.35
CA VAL B 343 -10.47 9.35 -1.67
C VAL B 343 -9.45 10.50 -1.43
N GLU B 344 -9.77 11.65 -1.97
CA GLU B 344 -8.93 12.82 -1.85
C GLU B 344 -9.03 13.44 -0.46
N LEU B 345 -7.95 13.31 0.32
CA LEU B 345 -7.88 13.89 1.66
C LEU B 345 -7.26 15.24 1.43
N ILE B 346 -8.10 16.27 1.43
CA ILE B 346 -7.64 17.63 1.15
C ILE B 346 -7.31 18.44 2.40
N ARG B 347 -6.22 19.22 2.29
CA ARG B 347 -5.72 20.09 3.36
C ARG B 347 -5.40 21.49 2.84
N GLY B 348 -5.31 22.43 3.77
CA GLY B 348 -5.01 23.80 3.42
C GLY B 348 -6.21 24.72 3.51
N ARG B 349 -6.12 25.84 2.79
CA ARG B 349 -7.16 26.85 2.78
C ARG B 349 -8.58 26.42 2.57
N LYS B 350 -9.44 27.19 3.22
CA LYS B 350 -10.88 27.05 3.32
C LYS B 350 -10.95 26.65 4.78
N GLN B 351 -11.13 25.36 5.07
CA GLN B 351 -11.19 24.93 6.46
C GLN B 351 -9.96 25.42 7.21
N GLU B 352 -8.80 24.82 6.92
CA GLU B 352 -7.56 25.18 7.59
C GLU B 352 -7.10 26.53 7.12
N THR B 353 -6.59 27.33 8.04
CA THR B 353 -6.24 28.69 7.70
C THR B 353 -4.86 29.11 8.18
N ARG B 354 -4.18 28.19 8.85
CA ARG B 354 -2.83 28.48 9.34
C ARG B 354 -1.97 28.68 8.12
N VAL B 355 -2.39 28.04 7.04
CA VAL B 355 -1.70 28.07 5.76
C VAL B 355 -2.44 28.77 4.62
N TRP B 356 -1.74 29.01 3.53
CA TRP B 356 -2.31 29.69 2.38
C TRP B 356 -2.41 28.80 1.18
N TRP B 357 -1.85 27.61 1.27
CA TRP B 357 -1.87 26.66 0.17
C TRP B 357 -3.00 25.68 0.42
N THR B 358 -3.26 24.88 -0.59
CA THR B 358 -4.28 23.86 -0.57
C THR B 358 -3.75 22.73 -1.42
N SER B 359 -3.70 21.55 -0.85
CA SER B 359 -3.23 20.39 -1.58
C SER B 359 -4.01 19.26 -0.95
N ASN B 360 -3.59 18.03 -1.21
CA ASN B 360 -4.24 16.88 -0.64
C ASN B 360 -3.24 15.72 -0.74
N SER B 361 -3.72 14.54 -0.36
CA SER B 361 -2.96 13.28 -0.43
C SER B 361 -4.05 12.24 -0.67
N ILE B 362 -3.71 11.00 -0.90
CA ILE B 362 -4.76 10.02 -1.15
C ILE B 362 -4.67 8.78 -0.27
N VAL B 363 -5.61 7.88 -0.48
CA VAL B 363 -5.69 6.59 0.19
C VAL B 363 -6.57 5.82 -0.76
N VAL B 364 -6.28 4.54 -0.95
CA VAL B 364 -7.08 3.74 -1.88
C VAL B 364 -7.40 2.30 -1.43
N PHE B 365 -8.68 1.96 -1.47
CA PHE B 365 -9.15 0.65 -1.09
C PHE B 365 -9.61 -0.12 -2.33
N CYS B 366 -9.78 -1.43 -2.19
CA CYS B 366 -10.19 -2.29 -3.30
C CYS B 366 -11.13 -3.41 -2.83
N GLY B 367 -12.15 -3.68 -3.62
CA GLY B 367 -13.09 -4.72 -3.25
C GLY B 367 -12.38 -6.01 -2.92
N THR B 368 -12.93 -6.75 -1.98
CA THR B 368 -12.36 -8.01 -1.59
C THR B 368 -13.51 -8.91 -1.25
N SER B 369 -13.40 -10.17 -1.63
CA SER B 369 -14.40 -11.19 -1.39
C SER B 369 -14.00 -11.90 -0.08
N GLY B 370 -12.98 -11.36 0.59
CA GLY B 370 -12.47 -11.93 1.83
C GLY B 370 -12.81 -11.18 3.10
N THR B 371 -12.10 -11.50 4.17
CA THR B 371 -12.35 -10.90 5.45
C THR B 371 -11.51 -9.64 5.59
N TYR B 372 -11.89 -8.76 6.49
CA TYR B 372 -11.18 -7.51 6.74
C TYR B 372 -11.53 -7.03 8.14
N GLY B 373 -10.88 -5.95 8.57
CA GLY B 373 -11.13 -5.46 9.91
C GLY B 373 -11.69 -4.06 10.09
N THR B 374 -10.93 -3.24 10.80
CA THR B 374 -11.36 -1.88 11.06
C THR B 374 -10.13 -0.95 11.10
N GLY B 375 -10.39 0.32 10.87
CA GLY B 375 -9.34 1.32 10.88
C GLY B 375 -9.92 2.62 10.38
N SER B 376 -9.05 3.60 10.22
CA SER B 376 -9.33 4.94 9.73
C SER B 376 -7.95 5.29 9.23
N TRP B 377 -7.86 5.79 8.01
CA TRP B 377 -6.58 6.13 7.42
C TRP B 377 -6.61 7.54 6.87
N PRO B 378 -6.56 8.52 7.79
CA PRO B 378 -6.59 9.93 7.43
C PRO B 378 -5.24 10.44 6.95
N ASP B 379 -5.23 11.66 6.44
CA ASP B 379 -4.01 12.29 5.95
C ASP B 379 -2.88 12.16 7.00
N GLY B 380 -3.18 12.57 8.22
CA GLY B 380 -2.22 12.47 9.31
C GLY B 380 -1.12 13.51 9.38
N ALA B 381 -1.36 14.73 8.90
CA ALA B 381 -0.34 15.79 8.92
C ALA B 381 -0.60 16.89 9.96
N ASN B 382 0.27 17.02 10.94
CA ASN B 382 0.05 18.07 11.92
C ASN B 382 0.14 19.38 11.19
N ILE B 383 -0.99 20.07 11.09
CA ILE B 383 -1.06 21.33 10.36
C ILE B 383 -0.12 22.42 10.95
N ASN B 384 0.28 22.25 12.19
CA ASN B 384 1.16 23.23 12.81
C ASN B 384 2.62 22.99 12.49
N PHE B 385 2.92 21.80 11.98
CA PHE B 385 4.28 21.45 11.59
C PHE B 385 4.56 22.03 10.18
N MET B 386 3.53 21.94 9.35
CA MET B 386 3.50 22.38 7.97
C MET B 386 3.90 23.80 7.64
N PRO B 387 4.62 23.97 6.51
CA PRO B 387 5.08 25.28 6.03
C PRO B 387 3.95 26.28 5.77
N ILE B 388 4.32 27.56 5.80
CA ILE B 388 3.47 28.72 5.58
C ILE B 388 2.77 29.13 6.89
C1 NAG C . 12.92 -26.97 -10.77
C2 NAG C . 12.70 -28.37 -11.26
C3 NAG C . 13.66 -28.74 -12.33
C4 NAG C . 13.79 -27.68 -13.38
C5 NAG C . 13.98 -26.27 -12.79
C6 NAG C . 13.81 -25.24 -13.87
C7 NAG C . 12.27 -30.44 -9.99
C8 NAG C . 12.74 -31.24 -8.79
N2 NAG C . 12.94 -29.31 -10.18
O3 NAG C . 13.06 -29.86 -12.93
O4 NAG C . 14.92 -27.97 -14.22
O5 NAG C . 12.97 -26.01 -11.83
O6 NAG C . 12.49 -25.35 -14.35
O7 NAG C . 11.33 -30.79 -10.72
H1 NAG C . 13.89 -26.91 -10.25
H2 NAG C . 11.66 -28.43 -11.63
H3 NAG C . 14.66 -28.97 -11.93
H4 NAG C . 12.89 -27.67 -14.02
H5 NAG C . 14.98 -26.18 -12.33
H61 NAG C . 14.56 -25.37 -14.64
H62 NAG C . 13.98 -24.24 -13.44
H81 NAG C . 13.73 -31.67 -8.98
H82 NAG C . 12.03 -32.03 -8.55
H83 NAG C . 12.81 -30.57 -7.91
HN2 NAG C . 13.65 -29.10 -9.54
HO3 NAG C . 12.28 -30.18 -12.43
HO6 NAG C . 11.90 -25.04 -13.65
C1 NAG C . 14.87 -29.22 -14.97
C2 NAG C . 15.66 -29.07 -16.21
C3 NAG C . 15.51 -30.45 -17.00
C4 NAG C . 15.76 -31.72 -16.10
C5 NAG C . 15.09 -31.58 -14.68
C6 NAG C . 15.48 -32.57 -13.51
C7 NAG C . 15.55 -26.68 -16.80
C8 NAG C . 14.80 -25.51 -17.46
N2 NAG C . 15.00 -27.89 -16.82
O3 NAG C . 16.47 -30.54 -18.10
O4 NAG C . 15.21 -32.87 -16.76
O5 NAG C . 15.39 -30.28 -14.18
O6 NAG C . 14.99 -32.13 -12.26
O7 NAG C . 16.66 -26.47 -16.31
H1 NAG C . 13.80 -29.41 -15.20
H2 NAG C . 16.72 -28.91 -15.96
H3 NAG C . 14.49 -30.49 -17.41
H4 NAG C . 16.84 -31.85 -15.96
H5 NAG C . 14.00 -31.67 -14.79
H61 NAG C . 16.58 -32.67 -13.48
H62 NAG C . 15.08 -33.57 -13.75
H81 NAG C . 14.87 -24.61 -16.83
H82 NAG C . 13.75 -25.76 -17.61
H83 NAG C . 15.25 -25.28 -18.44
HN2 NAG C . 14.12 -28.00 -17.23
HO3 NAG C . 16.69 -29.66 -18.43
HO4 NAG C . 15.57 -32.86 -17.66
HO6 NAG C . 14.53 -31.30 -12.43
C1 NAG D . 8.86 16.44 20.32
C2 NAG D . 8.87 17.94 20.50
C3 NAG D . 8.95 18.19 21.99
C4 NAG D . 7.68 17.76 22.66
C5 NAG D . 7.36 16.27 22.36
C6 NAG D . 5.88 15.86 22.32
C7 NAG D . 11.02 18.26 19.31
C8 NAG D . 11.99 19.22 18.66
N2 NAG D . 9.90 18.74 19.85
O3 NAG D . 9.22 19.52 22.30
O4 NAG D . 7.98 17.92 24.06
O5 NAG D . 7.82 15.84 21.07
O6 NAG D . 5.44 16.13 20.95
O7 NAG D . 11.28 17.07 19.31
H1 NAG D . 9.77 15.97 20.73
H2 NAG D . 7.91 18.31 20.13
H3 NAG D . 9.79 17.59 22.39
H4 NAG D . 6.84 18.40 22.35
H5 NAG D . 7.88 15.65 23.10
H61 NAG D . 5.29 16.42 23.05
H62 NAG D . 5.78 14.77 22.49
H81 NAG D . 12.16 20.11 19.28
H82 NAG D . 11.60 19.55 17.68
H83 NAG D . 12.97 18.72 18.47
HN2 NAG D . 9.72 19.70 19.80
HO3 NAG D . 9.61 19.50 23.17
C1 NAG D . 7.87 19.16 24.81
C2 NAG D . 7.55 18.59 26.18
C3 NAG D . 7.48 19.67 27.25
C4 NAG D . 8.78 20.46 27.41
C5 NAG D . 9.29 20.94 25.96
C6 NAG D . 10.83 21.29 26.01
C7 NAG D . 6.37 16.51 26.49
C8 NAG D . 5.05 15.71 26.55
N2 NAG D . 6.30 17.82 26.22
O3 NAG D . 7.25 18.97 28.47
O4 NAG D . 8.57 21.58 28.33
O5 NAG D . 9.15 19.87 24.92
O6 NAG D . 11.15 22.41 26.86
O7 NAG D . 7.44 15.92 26.70
H1 NAG D . 7.07 19.79 24.40
H2 NAG D . 8.46 17.99 26.44
H3 NAG D . 6.65 20.37 27.05
H4 NAG D . 9.55 19.79 27.81
H5 NAG D . 8.71 21.81 25.62
H61 NAG D . 11.21 21.48 25.00
H62 NAG D . 11.38 20.40 26.39
H81 NAG D . 4.68 15.66 27.58
H82 NAG D . 5.22 14.68 26.19
H83 NAG D . 4.27 16.16 25.90
HN2 NAG D . 5.45 18.26 26.07
HO3 NAG D . 7.52 18.05 28.35
HO6 NAG D . 11.09 23.22 26.33
C1 BMA D . 8.64 21.31 29.80
C2 BMA D . 10.01 20.67 30.25
C3 BMA D . 10.34 21.14 31.69
C4 BMA D . 10.54 22.65 31.77
C5 BMA D . 9.29 23.41 31.20
C6 BMA D . 9.70 24.38 30.12
O2 BMA D . 11.09 21.01 29.37
O3 BMA D . 11.52 20.56 32.20
O4 BMA D . 10.78 23.01 33.14
O5 BMA D . 8.27 22.47 30.61
O6 BMA D . 8.52 24.73 29.43
H1 BMA D . 7.79 20.64 30.01
H2 BMA D . 9.91 19.58 30.26
H3 BMA D . 9.50 20.87 32.35
H4 BMA D . 11.45 22.91 31.20
H5 BMA D . 8.77 23.95 32.01
H61 BMA D . 10.43 23.93 29.42
H62 BMA D . 10.18 25.27 30.57
HO2 BMA D . 10.76 21.61 28.69
HO3 BMA D . 12.18 20.62 31.48
HO4 BMA D . 11.32 22.28 33.50
HO6 BMA D . 8.03 23.92 29.24
C1 FUL D . 4.03 16.27 20.62
C2 FUL D . 3.89 16.41 19.09
O2 FUL D . 4.59 15.44 18.30
C3 FUL D . 2.39 16.37 18.76
O3 FUL D . 2.30 16.61 17.36
C4 FUL D . 1.55 17.50 19.58
O4 FUL D . 1.70 18.80 18.99
C5 FUL D . 1.99 17.55 21.11
C6 FUL D . 1.60 18.84 21.83
O5 FUL D . 3.41 17.46 21.25
H1 FUL D . 3.56 15.36 21.02
H2 FUL D . 4.27 17.40 18.81
HO2 FUL D . 4.29 15.57 17.40
H3 FUL D . 2.00 15.37 19.01
HO3 FUL D . 2.10 17.56 17.27
H4 FUL D . 0.48 17.21 19.55
HO4 FUL D . 1.66 19.46 19.69
H5 FUL D . 1.55 16.69 21.65
H61 FUL D . 0.53 19.03 21.68
H62 FUL D . 1.77 18.74 22.92
H63 FUL D . 2.16 19.71 21.48
C1 NAG E . 7.29 -29.06 -8.00
C2 NAG E . 7.13 -30.34 -7.19
C3 NAG E . 7.95 -31.42 -7.79
C4 NAG E . 7.31 -31.66 -9.17
C5 NAG E . 7.51 -30.38 -10.04
C6 NAG E . 6.86 -30.44 -11.45
C7 NAG E . 6.70 -30.26 -4.84
C8 NAG E . 7.33 -30.05 -3.45
N2 NAG E . 7.57 -30.17 -5.83
O3 NAG E . 7.92 -32.54 -6.91
O4 NAG E . 7.98 -32.81 -9.70
O5 NAG E . 6.92 -29.28 -9.37
O6 NAG E . 7.79 -30.70 -12.48
O7 NAG E . 5.50 -30.47 -5.01
H1 NAG E . 8.33 -28.68 -7.97
H2 NAG E . 6.06 -30.62 -7.25
H3 NAG E . 8.99 -31.11 -7.92
H4 NAG E . 6.24 -31.87 -9.06
H5 NAG E . 8.59 -30.16 -10.15
H61 NAG E . 6.03 -31.16 -11.48
H62 NAG E . 6.40 -29.47 -11.68
H81 NAG E . 6.53 -29.99 -2.69
H82 NAG E . 7.90 -29.11 -3.43
H83 NAG E . 7.96 -30.91 -3.23
HN2 NAG E . 8.53 -30.04 -5.65
HO3 NAG E . 8.00 -33.31 -7.48
HO6 NAG E . 8.43 -31.41 -12.23
C1 NAG E . 7.29 -33.62 -10.65
C2 NAG E . 8.09 -34.89 -10.63
C3 NAG E . 7.59 -35.76 -11.75
C4 NAG E . 5.98 -35.91 -11.61
C5 NAG E . 5.35 -35.20 -10.34
C6 NAG E . 5.44 -35.86 -8.91
C7 NAG E . 10.13 -33.76 -11.40
C8 NAG E . 11.64 -33.75 -11.32
N2 NAG E . 9.53 -34.71 -10.70
O3 NAG E . 8.27 -37.02 -11.66
O4 NAG E . 5.34 -35.34 -12.75
O5 NAG E . 5.92 -33.86 -10.27
O6 NAG E . 6.36 -36.94 -8.88
O7 NAG E . 9.52 -32.95 -12.11
H1 NAG E . 7.25 -33.17 -11.64
H2 NAG E . 7.94 -35.38 -9.67
H3 NAG E . 7.84 -35.29 -12.72
H4 NAG E . 5.73 -36.98 -11.55
H5 NAG E . 4.28 -35.03 -10.53
H61 NAG E . 4.45 -36.24 -8.62
H62 NAG E . 5.72 -35.10 -8.15
H81 NAG E . 11.99 -33.65 -10.29
H82 NAG E . 12.06 -32.93 -11.93
H83 NAG E . 12.06 -34.69 -11.73
HN2 NAG E . 10.06 -35.35 -10.19
HO3 NAG E . 7.81 -37.65 -12.21
HO4 NAG E . 4.97 -34.49 -12.51
HO6 NAG E . 6.94 -36.86 -8.10
C1 NAG F . -13.98 -5.32 12.95
C2 NAG F . -14.05 -5.87 11.47
C3 NAG F . -15.39 -5.33 10.79
C4 NAG F . -16.56 -5.86 11.57
C5 NAG F . -16.58 -5.02 12.88
C6 NAG F . -17.86 -5.26 13.80
C7 NAG F . -11.83 -5.96 10.21
C8 NAG F . -10.73 -5.11 9.57
N2 NAG F . -12.85 -5.31 10.77
O3 NAG F . -15.45 -5.78 9.48
O4 NAG F . -17.85 -5.97 10.88
O5 NAG F . -15.33 -5.35 13.64
O6 NAG F . -18.05 -4.06 14.62
O7 NAG F . -11.76 -7.19 10.17
H1 NAG F . -13.69 -4.26 12.97
H2 NAG F . -14.01 -6.96 11.47
H3 NAG F . -15.37 -4.24 10.74
H4 NAG F . -16.37 -6.91 11.87
H5 NAG F . -16.57 -3.95 12.62
H61 NAG F . -17.68 -6.12 14.48
H62 NAG F . -18.76 -5.47 13.22
H81 NAG F . -10.77 -5.20 8.48
H82 NAG F . -9.75 -5.46 9.92
H83 NAG F . -10.84 -4.05 9.82
HN2 NAG F . -12.78 -4.34 10.70
HO3 NAG F . -16.21 -6.38 9.37
C1 NAG F . -18.70 -5.00 10.26
C2 NAG F . -19.82 -5.85 9.83
C3 NAG F . -20.70 -4.96 8.91
C4 NAG F . -21.48 -4.04 9.91
C5 NAG F . -20.51 -3.32 10.81
C6 NAG F . -21.21 -2.89 12.09
C7 NAG F . -19.11 -7.69 8.25
C8 NAG F . -19.28 -9.18 8.16
N2 NAG F . -19.69 -7.18 9.32
O3 NAG F . -21.54 -5.75 8.08
O4 NAG F . -22.31 -3.05 9.31
O5 NAG F . -19.35 -4.14 11.23
O6 NAG F . -20.26 -2.62 13.04
O7 NAG F . -18.50 -7.01 7.44
H1 NAG F . -18.14 -4.44 9.49
H2 NAG F . -20.39 -6.11 10.74
H3 NAG F . -20.09 -4.31 8.26
H4 NAG F . -22.14 -4.73 10.48
H5 NAG F . -20.09 -2.43 10.30
H61 NAG F . -21.88 -3.65 12.51
H62 NAG F . -21.73 -1.92 11.96
H81 NAG F . -20.33 -9.44 8.08
H82 NAG F . -18.82 -9.67 9.03
H83 NAG F . -18.75 -9.55 7.26
HN2 NAG F . -20.15 -7.85 9.86
HO3 NAG F . -22.02 -5.16 7.49
HO6 NAG F . -19.45 -3.11 12.84
C1 BMA F . -23.50 -2.65 10.03
C2 BMA F . -23.90 -1.17 9.77
C3 BMA F . -25.23 -0.88 10.53
C4 BMA F . -26.22 -1.85 9.94
C5 BMA F . -25.75 -3.30 10.24
C6 BMA F . -26.58 -4.48 9.95
O2 BMA F . -24.05 -1.17 8.38
O3 BMA F . -25.96 0.38 10.72
O4 BMA F . -27.43 -1.55 10.56
O5 BMA F . -24.52 -3.49 9.55
O6 BMA F . -25.69 -5.58 10.00
H1 BMA F . -23.42 -2.89 11.08
H2 BMA F . -23.07 -0.51 10.08
H3 BMA F . -25.03 -1.15 11.57
H4 BMA F . -26.35 -1.70 8.86
H5 BMA F . -25.58 -3.39 11.33
H61 BMA F . -27.04 -4.37 8.96
H62 BMA F . -27.41 -4.57 10.67
HO2 BMA F . -23.46 -1.88 8.04
HO4 BMA F . -27.59 -0.60 10.40
HO6 BMA F . -24.99 -5.42 9.36
C1 MAN F . -25.51 1.71 10.58
C2 MAN F . -24.52 2.23 11.64
C3 MAN F . -25.13 1.80 12.97
C4 MAN F . -26.41 2.74 13.19
C5 MAN F . -27.42 2.22 12.03
C6 MAN F . -28.82 2.99 11.92
O2 MAN F . -24.28 3.68 11.54
O3 MAN F . -24.41 1.57 14.16
O4 MAN F . -26.86 2.65 14.60
O5 MAN F . -26.72 2.38 10.75
O6 MAN F . -29.54 3.03 13.16
H1 MAN F . -25.17 1.84 9.54
H2 MAN F . -23.57 1.69 11.49
H3 MAN F . -24.64 2.66 13.41
H4 MAN F . -26.30 3.82 12.97
H5 MAN F . -27.65 1.16 12.22
H61 MAN F . -28.65 4.02 11.57
H62 MAN F . -29.43 2.50 11.15
HO3 MAN F . -25.02 1.80 14.90
HO4 MAN F . -27.78 2.98 14.63
HO6 MAN F . -30.25 2.37 13.13
C1 MAN F . -22.91 4.17 11.91
C2 MAN F . -22.27 3.67 13.30
C3 MAN F . -23.10 4.43 14.38
C4 MAN F . -22.72 5.95 14.34
C5 MAN F . -22.52 6.60 12.86
C6 MAN F . -21.04 7.17 12.58
O2 MAN F . -20.85 3.91 13.32
O3 MAN F . -23.28 4.04 15.76
O4 MAN F . -23.54 6.81 15.10
O5 MAN F . -22.83 5.64 11.74
O6 MAN F . -20.15 6.34 11.84
H1 MAN F . -22.32 3.79 11.05
H2 MAN F . -22.37 2.58 13.41
H3 MAN F . -22.16 4.47 14.95
H4 MAN F . -23.75 5.80 13.95
H5 MAN F . -23.19 7.48 12.73
H61 MAN F . -20.58 7.42 13.55
H62 MAN F . -21.12 8.14 12.05
HO2 MAN F . -20.64 4.80 13.02
HO3 MAN F . -23.04 3.10 15.81
HO4 MAN F . -23.94 6.24 15.79
HO6 MAN F . -20.55 6.17 10.98
C1 MAN F . -19.24 -3.94 15.41
C2 MAN F . -19.32 -2.44 16.02
C3 MAN F . -18.72 -2.30 17.43
C4 MAN F . -18.27 -3.66 18.00
C5 MAN F . -19.28 -4.80 17.72
C6 MAN F . -20.76 -4.66 18.13
O2 MAN F . -20.63 -1.95 16.13
O3 MAN F . -19.68 -1.73 18.37
O4 MAN F . -17.05 -3.97 17.36
O5 MAN F . -19.28 -5.05 16.32
O6 MAN F . -21.61 -4.60 16.95
H1 MAN F . -20.13 -4.10 14.79
H2 MAN F . -18.79 -1.77 15.32
H3 MAN F . -17.86 -1.63 17.37
H4 MAN F . -18.11 -3.56 19.09
H5 MAN F . -18.87 -5.71 18.18
H61 MAN F . -20.90 -3.78 18.75
H62 MAN F . -21.06 -5.51 18.77
HO2 MAN F . -21.20 -2.72 16.31
HO3 MAN F . -20.37 -1.32 17.84
HO4 MAN F . -17.26 -4.37 16.50
HO6 MAN F . -21.38 -5.34 16.37
C1 NAG G . -12.46 -10.22 -24.71
C2 NAG G . -13.20 -11.17 -25.61
C3 NAG G . -12.75 -12.58 -25.42
C4 NAG G . -11.26 -12.71 -25.38
C5 NAG G . -10.59 -11.68 -24.46
C6 NAG G . -9.10 -11.68 -24.70
C7 NAG G . -15.59 -11.29 -26.16
C8 NAG G . -16.98 -11.25 -25.54
N2 NAG G . -14.61 -11.16 -25.28
O3 NAG G . -13.22 -13.22 -26.57
O4 NAG G . -10.91 -14.03 -24.91
O5 NAG G . -11.04 -10.38 -24.79
O6 NAG G . -8.89 -11.30 -26.04
O7 NAG G . -15.40 -11.40 -27.39
H1 NAG G . -12.74 -10.42 -23.66
H2 NAG G . -13.01 -10.84 -26.65
H3 NAG G . -13.17 -13.02 -24.50
H4 NAG G . -10.85 -12.59 -26.40
H5 NAG G . -10.80 -11.91 -23.40
H61 NAG G . -8.68 -12.66 -24.46
H62 NAG G . -8.63 -10.96 -24.01
H81 NAG G . -17.16 -12.16 -24.96
H82 NAG G . -17.75 -11.14 -26.31
H83 NAG G . -17.06 -10.38 -24.87
HN2 NAG G . -14.86 -11.05 -24.35
HO3 NAG G . -13.79 -12.65 -27.12
HO6 NAG G . -9.13 -10.36 -26.11
C1 NAG G . -11.36 -15.15 -25.73
C2 NAG G . -10.42 -16.28 -25.57
C3 NAG G . -10.93 -17.44 -26.53
C4 NAG G . -12.48 -17.72 -26.40
C5 NAG G . -13.32 -16.39 -26.28
C6 NAG G . -14.84 -16.44 -25.81
C7 NAG G . -8.23 -15.27 -25.05
C8 NAG G . -6.93 -14.60 -25.53
N2 NAG G . -9.14 -15.63 -25.95
O3 NAG G . -10.27 -18.71 -26.25
O4 NAG G . -12.93 -18.46 -27.55
O5 NAG G . -12.67 -15.54 -25.35
O6 NAG G . -15.34 -15.14 -25.51
O7 NAG G . -8.38 -15.47 -23.84
H1 NAG G . -11.37 -14.79 -26.79
H2 NAG G . -10.44 -16.63 -24.53
H3 NAG G . -10.72 -17.14 -27.57
H4 NAG G . -12.66 -18.31 -25.49
H5 NAG G . -13.34 -15.89 -27.26
H61 NAG G . -14.91 -17.09 -24.93
H62 NAG G . -15.44 -16.91 -26.60
H81 NAG G . -6.66 -13.76 -24.88
H82 NAG G . -7.04 -14.24 -26.56
H83 NAG G . -6.11 -15.33 -25.51
HN2 NAG G . -8.97 -15.44 -26.90
HO3 NAG G . -9.39 -18.55 -25.90
HO4 NAG G . -12.32 -19.21 -27.64
HO6 NAG G . -14.60 -14.53 -25.66
C1 NAG H . -0.28 35.10 1.08
C2 NAG H . 0.73 36.03 1.71
C3 NAG H . -0.06 37.03 2.51
C4 NAG H . -0.84 37.93 1.59
C5 NAG H . -1.78 37.11 0.66
C6 NAG H . -2.08 37.69 -0.73
C7 NAG H . 1.79 34.26 3.08
C8 NAG H . 2.96 33.83 3.94
N2 NAG H . 1.78 35.48 2.56
O3 NAG H . 0.74 37.81 3.34
O4 NAG H . -1.64 38.71 2.50
O5 NAG H . -1.24 35.82 0.32
O6 NAG H . -0.98 37.25 -1.58
O7 NAG H . 0.90 33.46 2.87
H1 NAG H . -0.89 34.58 1.84
H2 NAG H . 1.24 36.55 0.89
H3 NAG H . -0.76 36.48 3.16
H4 NAG H . -0.17 38.57 0.99
H5 NAG H . -2.72 36.93 1.18
H61 NAG H . -2.14 38.78 -0.70
H62 NAG H . -3.01 37.25 -1.13
H81 NAG H . 3.22 34.61 4.67
H82 NAG H . 3.84 33.64 3.31
H83 NAG H . 2.72 32.90 4.49
HN2 NAG H . 2.53 36.09 2.74
HO3 NAG H . 0.17 38.11 4.04
C1 NAG H . -1.20 39.91 3.19
C2 NAG H . -2.53 40.63 3.31
C3 NAG H . -2.42 41.92 4.11
C4 NAG H . -1.91 41.72 5.54
C5 NAG H . -0.59 40.80 5.50
C6 NAG H . -0.34 40.16 6.92
C7 NAG H . -4.32 40.34 1.72
C8 NAG H . -4.98 40.68 0.37
N2 NAG H . -3.16 40.93 2.02
O3 NAG H . -3.75 42.42 4.19
O4 NAG H . -1.68 43.02 6.17
O5 NAG H . -0.72 39.65 4.55
O6 NAG H . -0.04 41.12 7.95
O7 NAG H . -4.89 39.54 2.49
H1 NAG H . -0.47 40.47 2.58
H2 NAG H . -3.14 39.94 3.95
H3 NAG H . -1.78 42.65 3.59
H4 NAG H . -2.67 41.16 6.10
H5 NAG H . 0.28 41.40 5.19
H61 NAG H . 0.48 39.43 6.86
H62 NAG H . -1.24 39.59 7.22
H81 NAG H . -5.71 41.49 0.49
H82 NAG H . -5.52 39.80 -0.02
H83 NAG H . -4.23 40.97 -0.39
HN2 NAG H . -2.74 41.57 1.41
HO3 NAG H . -4.37 41.69 4.03
HO6 NAG H . 0.91 41.27 7.98
C1 BMA H . -2.85 43.74 6.76
C2 BMA H . -3.60 42.89 7.86
C3 BMA H . -4.19 43.85 8.93
C4 BMA H . -3.10 44.62 9.67
C5 BMA H . -2.18 45.39 8.66
C6 BMA H . -0.73 45.02 8.88
O2 BMA H . -2.76 41.93 8.50
O3 BMA H . -4.94 43.18 9.91
O4 BMA H . -3.73 45.52 10.59
O5 BMA H . -2.51 45.09 7.23
O6 BMA H . -0.03 45.46 7.74
H1 BMA H . -3.51 43.98 5.91
H2 BMA H . -4.43 42.36 7.38
H3 BMA H . -4.85 44.58 8.42
H4 BMA H . -2.52 43.90 10.27
H5 BMA H . -2.31 46.48 8.78
H61 BMA H . -0.60 43.94 9.02
H62 BMA H . -0.35 45.52 9.79
HO2 BMA H . -1.86 42.02 8.14
HO3 BMA H . -4.41 42.40 10.16
HO4 BMA H . -4.51 45.04 10.93
HO6 BMA H . -0.52 45.17 6.96
C1 FUC H . -0.68 37.91 -2.84
C2 FUC H . 0.43 37.13 -3.57
C3 FUC H . 0.59 37.74 -4.97
C4 FUC H . 0.89 39.34 -4.89
C5 FUC H . -0.08 40.06 -3.85
C6 FUC H . 0.41 41.44 -3.40
O2 FUC H . 0.23 35.71 -3.69
O3 FUC H . 1.69 37.06 -5.56
O4 FUC H . 2.26 39.62 -4.56
O5 FUC H . -0.20 39.30 -2.65
H1 FUC H . -1.64 37.92 -3.38
H2 FUC H . 1.36 37.29 -3.02
H3 FUC H . -0.33 37.57 -5.55
H4 FUC H . 0.67 39.77 -5.90
H5 FUC H . -1.08 40.17 -4.30
H61 FUC H . 1.31 41.39 -2.77
H62 FUC H . -0.37 41.97 -2.82
H63 FUC H . 0.64 42.06 -4.28
HO2 FUC H . 0.91 35.39 -4.28
HO3 FUC H . 2.46 37.64 -5.42
HO4 FUC H . 2.29 40.43 -4.05
C1 NAG I . -12.19 31.47 -28.83
C2 NAG I . -11.63 30.29 -29.73
C3 NAG I . -10.80 30.92 -30.93
C4 NAG I . -11.73 31.77 -31.75
C5 NAG I . -11.96 33.05 -30.90
C6 NAG I . -12.77 34.21 -31.64
C7 NAG I . -10.84 28.21 -28.47
C8 NAG I . -9.76 27.66 -27.54
N2 NAG I . -10.73 29.48 -28.84
O3 NAG I . -10.28 29.90 -31.72
O4 NAG I . -11.38 32.02 -33.16
O5 NAG I . -12.69 32.64 -29.65
O6 NAG I . -12.41 35.48 -31.01
O7 NAG I . -11.74 27.47 -28.88
H1 NAG I . -11.40 31.90 -28.19
H2 NAG I . -12.46 29.66 -30.09
H3 NAG I . -9.95 31.49 -30.55
H4 NAG I . -12.71 31.27 -31.84
H5 NAG I . -10.98 33.48 -30.61
H61 NAG I . -13.86 34.06 -31.51
H62 NAG I . -12.56 34.24 -32.72
H81 NAG I . -9.11 26.97 -28.08
H82 NAG I . -10.23 27.14 -26.70
H83 NAG I . -9.12 28.47 -27.14
HN2 NAG I . -9.95 29.95 -28.46
HO3 NAG I . -10.67 29.93 -32.60
C1 NAG I . -10.26 32.64 -33.78
C2 NAG I . -10.64 32.55 -35.19
C3 NAG I . -9.37 32.97 -36.00
C4 NAG I . -9.35 34.53 -35.88
C5 NAG I . -9.39 34.93 -34.43
C6 NAG I . -9.91 36.35 -34.30
C7 NAG I . -10.97 30.16 -35.96
C8 NAG I . -12.04 29.37 -36.67
N2 NAG I . -11.29 31.43 -35.79
O3 NAG I . -9.43 32.49 -37.33
O4 NAG I . -8.22 35.17 -36.47
O5 NAG I . -10.26 34.08 -33.58
O6 NAG I . -10.32 36.55 -33.00
O7 NAG I . -9.91 29.69 -35.56
H1 NAG I . -9.32 32.16 -33.45
H2 NAG I . -11.44 33.29 -35.37
H3 NAG I . -8.45 32.58 -35.54
H4 NAG I . -10.25 34.87 -36.43
H5 NAG I . -8.37 34.87 -33.98
H61 NAG I . -10.77 36.57 -34.94
H62 NAG I . -9.10 37.09 -34.43
H81 NAG I . -12.20 29.78 -37.68
H82 NAG I . -12.97 29.38 -36.09
H83 NAG I . -11.71 28.32 -36.77
HN2 NAG I . -12.16 31.65 -36.17
HO3 NAG I . -8.61 32.73 -37.78
HO6 NAG I . -10.54 35.70 -32.60
C1 BMA I . -8.41 36.50 -36.99
C2 BMA I . -7.13 37.38 -36.90
C3 BMA I . -7.44 38.75 -37.56
C4 BMA I . -7.80 38.42 -38.99
C5 BMA I . -9.08 37.55 -39.00
C6 BMA I . -9.79 37.19 -40.23
O2 BMA I . -6.23 36.61 -37.63
O3 BMA I . -6.63 39.98 -37.63
O4 BMA I . -8.00 39.65 -39.61
O5 BMA I . -8.75 36.32 -38.35
O6 BMA I . -10.64 36.11 -39.87
H1 BMA I . -9.29 36.97 -36.56
H2 BMA I . -6.83 37.47 -35.84
H3 BMA I . -8.32 39.13 -37.04
H4 BMA I . -6.98 37.91 -39.51
H5 BMA I . -9.87 38.07 -38.41
H61 BMA I . -9.06 36.89 -41.00
H62 BMA I . -10.35 38.05 -40.64
HO2 BMA I . -6.52 35.68 -37.54
HO4 BMA I . -7.19 40.16 -39.47
HO6 BMA I . -10.08 35.41 -39.51
C1 MAN I . -5.53 40.37 -36.84
C2 MAN I . -5.82 40.75 -35.38
C3 MAN I . -7.02 41.68 -35.46
C4 MAN I . -6.49 43.05 -36.08
C5 MAN I . -6.12 42.63 -37.61
C6 MAN I . -5.50 43.77 -38.53
O2 MAN I . -4.65 41.36 -34.70
O3 MAN I . -7.97 41.89 -34.43
O4 MAN I . -7.49 44.13 -35.88
O5 MAN I . -5.15 41.53 -37.53
O6 MAN I . -6.30 44.96 -38.58
H1 MAN I . -4.74 39.62 -36.96
H2 MAN I . -6.11 39.83 -34.85
H3 MAN I . -6.65 42.15 -34.55
H4 MAN I . -5.52 43.45 -35.69
H5 MAN I . -7.05 42.29 -38.10
H61 MAN I . -4.49 44.03 -38.17
H62 MAN I . -5.37 43.37 -39.54
HO3 MAN I . -8.29 42.80 -34.53
HO4 MAN I . -7.27 44.85 -36.50
HO6 MAN I . -6.78 44.98 -39.42
C1 MAN I . -4.51 41.08 -33.23
C2 MAN I . -5.78 41.30 -32.28
C3 MAN I . -5.94 42.86 -32.22
C4 MAN I . -4.76 43.45 -31.38
C5 MAN I . -3.29 42.78 -31.62
C6 MAN I . -2.65 42.09 -30.31
O2 MAN I . -5.60 40.64 -31.01
O3 MAN I . -7.14 43.59 -31.92
O4 MAN I . -4.62 44.85 -31.42
O5 MAN I . -3.29 41.74 -32.71
O6 MAN I . -2.78 40.68 -30.20
H1 MAN I . -4.21 40.01 -33.25
H2 MAN I . -6.68 40.83 -32.71
H3 MAN I . -6.27 42.69 -31.18
H4 MAN I . -4.63 43.71 -32.45
H5 MAN I . -2.56 43.56 -31.91
H61 MAN I . -3.09 42.56 -29.42
H62 MAN I . -1.58 42.34 -30.25
HO2 MAN I . -4.72 40.83 -30.65
HO3 MAN I . -7.88 42.96 -32.03
HO4 MAN I . -5.51 45.19 -31.65
HO6 MAN I . -2.35 40.28 -30.96
C1 MAN I . -12.85 36.71 -31.61
C2 MAN I . -12.13 37.95 -30.87
C3 MAN I . -12.94 38.56 -29.72
C4 MAN I . -14.33 37.91 -29.58
C5 MAN I . -15.02 37.68 -30.95
C6 MAN I . -15.21 38.84 -31.95
O2 MAN I . -11.85 39.03 -31.73
O3 MAN I . -13.15 39.99 -29.89
O4 MAN I . -14.12 36.65 -28.96
O5 MAN I . -14.29 36.68 -31.65
O6 MAN I . -14.40 38.63 -33.14
H1 MAN I . -12.59 36.74 -32.67
H2 MAN I . -11.16 37.59 -30.49
H3 MAN I . -12.38 38.40 -28.78
H4 MAN I . -14.97 38.54 -28.94
H5 MAN I . -16.01 37.23 -30.74
H61 MAN I . -14.96 39.79 -31.47
H62 MAN I . -16.28 38.93 -32.22
HO2 MAN I . -12.56 39.04 -32.40
HO3 MAN I . -12.50 40.28 -30.54
HO4 MAN I . -13.87 36.02 -29.65
HO6 MAN I . -14.57 37.73 -33.46
C1 NAG J . -15.95 -6.49 -28.91
C2 NAG J . -17.44 -6.61 -29.16
C3 NAG J . -17.85 -8.03 -29.13
C4 NAG J . -17.14 -8.66 -30.35
C5 NAG J . -15.59 -8.61 -30.10
C6 NAG J . -14.72 -9.13 -31.26
C7 NAG J . -18.94 -4.87 -28.46
C8 NAG J . -19.68 -4.26 -27.27
N2 NAG J . -18.20 -5.93 -28.14
O3 NAG J . -19.27 -8.09 -29.17
O4 NAG J . -17.64 -9.99 -30.44
O5 NAG J . -15.22 -7.25 -29.89
O6 NAG J . -14.23 -10.43 -31.03
O7 NAG J . -19.00 -4.42 -29.61
H1 NAG J . -15.67 -6.86 -27.90
H2 NAG J . -17.64 -6.20 -30.17
H3 NAG J . -17.51 -8.53 -28.22
H4 NAG J . -17.38 -8.10 -31.26
H5 NAG J . -15.34 -9.16 -29.18
H61 NAG J . -15.26 -9.08 -32.22
H62 NAG J . -13.85 -8.48 -31.39
H81 NAG J . -20.15 -3.31 -27.57
H82 NAG J . -18.99 -4.05 -26.45
H83 NAG J . -20.47 -4.95 -26.96
HN2 NAG J . -18.21 -6.28 -27.23
HO3 NAG J . -19.48 -8.91 -29.63
HO6 NAG J . -14.91 -11.03 -30.66
C1 NAG J . -17.64 -10.63 -31.71
C2 NAG J . -18.59 -11.77 -31.49
C3 NAG J . -18.52 -12.66 -32.71
C4 NAG J . -18.75 -11.75 -34.04
C5 NAG J . -19.06 -10.22 -33.74
C6 NAG J . -20.49 -9.75 -33.29
C7 NAG J . -17.20 -12.77 -29.74
C8 NAG J . -17.22 -13.57 -28.45
N2 NAG J . -18.39 -12.53 -30.27
O3 NAG J . -19.51 -13.68 -32.56
O4 NAG J . -17.58 -11.78 -34.86
O5 NAG J . -18.09 -9.76 -32.77
O6 NAG J . -21.32 -10.84 -32.90
O7 NAG J . -16.14 -12.42 -30.26
H1 NAG J . -16.64 -10.97 -32.01
H2 NAG J . -19.60 -11.36 -31.38
H3 NAG J . -17.52 -13.14 -32.76
H4 NAG J . -19.60 -12.16 -34.60
H5 NAG J . -18.83 -9.64 -34.65
H61 NAG J . -20.99 -9.22 -34.12
H62 NAG J . -20.42 -9.02 -32.46
H81 NAG J . -17.82 -13.08 -27.68
H82 NAG J . -16.20 -13.73 -28.07
H83 NAG J . -17.66 -14.57 -28.63
HN2 NAG J . -19.20 -12.87 -29.85
HO3 NAG J . -19.64 -14.10 -33.41
HO4 NAG J . -17.11 -10.95 -34.74
HO6 NAG J . -21.76 -10.65 -32.07
CA CA K . 12.52 -14.19 24.29
C1 DAN L . 10.42 -3.93 18.62
C2 DAN L . 9.28 -4.28 17.95
C3 DAN L . 8.96 -3.82 16.66
C4 DAN L . 7.84 -4.40 15.77
C5 DAN L . 6.77 -4.95 16.61
C6 DAN L . 7.44 -5.94 17.66
C7 DAN L . 6.22 -6.44 18.53
C8 DAN L . 6.55 -7.68 19.32
C9 DAN L . 5.54 -8.07 20.47
C10 DAN L . 4.47 -5.22 15.75
C11 DAN L . 3.50 -5.88 14.78
N5 DAN L . 5.76 -5.55 15.72
O1A DAN L . 10.51 -2.90 19.34
O1B DAN L . 11.37 -4.70 18.41
O4 DAN L . 7.22 -3.47 14.90
O6 DAN L . 8.40 -5.20 18.55
O7 DAN L . 5.88 -5.42 19.38
O8 DAN L . 6.52 -8.74 18.40
O9 DAN L . 4.60 -9.10 20.05
O10 DAN L . 4.00 -4.40 16.54
H3 DAN L . 9.57 -2.99 16.29
H4 DAN L . 8.29 -5.21 15.17
H5 DAN L . 6.33 -4.13 17.21
H6 DAN L . 7.94 -6.78 17.15
H7 DAN L . 5.34 -6.70 17.91
H8 DAN L . 7.57 -7.56 19.74
H91 DAN L . 4.98 -7.18 20.79
H92 DAN L . 6.10 -8.38 21.35
H111 DAN L . 3.99 -6.66 14.20
H112 DAN L . 3.12 -5.11 14.09
H113 DAN L . 2.65 -6.29 15.33
HN5 DAN L . 6.08 -6.18 15.06
HO4 DAN L . 6.29 -3.68 14.74
HO7 DAN L . 6.69 -4.90 19.48
HO8 DAN L . 5.93 -9.37 18.81
HO9 DAN L . 3.73 -8.69 20.00
CA CA M . -25.89 18.63 -5.23
C1 DAN N . -14.48 21.97 -5.72
C2 DAN N . -14.31 22.00 -7.08
C3 DAN N . -13.13 21.64 -7.73
C4 DAN N . -13.00 21.41 -9.26
C5 DAN N . -13.98 22.23 -9.98
C6 DAN N . -15.41 21.95 -9.33
C7 DAN N . -16.38 22.90 -10.14
C8 DAN N . -17.82 22.51 -9.96
C9 DAN N . -18.89 23.58 -10.44
C10 DAN N . -13.65 22.84 -12.34
C11 DAN N . -13.53 22.43 -13.80
N5 DAN N . -13.86 21.91 -11.41
O1A DAN N . -14.17 22.92 -4.97
O1B DAN N . -14.90 20.87 -5.30
O4 DAN N . -11.74 21.73 -9.81
O6 DAN N . -15.41 22.36 -7.88
O7 DAN N . -16.17 24.17 -9.68
O8 DAN N . -18.02 21.37 -10.77
O9 DAN N . -19.41 23.28 -11.77
O10 DAN N . -13.56 24.05 -12.10
H3 DAN N . -12.24 21.53 -7.10
H4 DAN N . -13.20 20.33 -9.44
H5 DAN N . -13.76 23.30 -9.78
H6 DAN N . -15.69 20.89 -9.43
H7 DAN N . -16.17 22.87 -11.22
H8 DAN N . -18.00 22.27 -8.90
H91 DAN N . -18.44 24.58 -10.44
H92 DAN N . -19.69 23.63 -9.71
H111 DAN N . -13.73 21.36 -13.93
H112 DAN N . -12.50 22.65 -14.14
H113 DAN N . -14.22 23.02 -14.41
HN5 DAN N . -13.90 20.98 -11.66
HO4 DAN N . -11.80 22.04 -10.73
HO7 DAN N . -15.83 24.07 -8.78
HO8 DAN N . -18.77 21.62 -11.31
HO9 DAN N . -19.08 23.97 -12.37
#